data_8CLP
#
_entry.id   8CLP
#
_cell.length_a   63.569
_cell.length_b   126.128
_cell.length_c   128.707
_cell.angle_alpha   90.00
_cell.angle_beta   90.00
_cell.angle_gamma   90.00
#
_symmetry.space_group_name_H-M   'P 21 21 21'
#
loop_
_entity.id
_entity.type
_entity.pdbx_description
1 polymer Hydrolase
2 water water
#
_entity_poly.entity_id   1
_entity_poly.type   'polypeptide(L)'
_entity_poly.pdbx_seq_one_letter_code
;MVTSPALRDVHVPHAYPEQQVDLGEITMNYAEAGDPDRPAVLLIPEQTGSWWSYEEAMGLLSEHFHVYAVDLRGQGRSSW
TPKRYSLDNFGNDLVRFIALVVKRPVVVAGNSSGGVLAAWLSAYSMPGQLRGVLCEDPPFFASELVPAHGHSVRQGAGPV
FELFRTYLGDQWSVGDWEGFCRAAGASASPMARSFVADGIPQHLQEYDPEWARVFYEGTVGLSCPHERMLGQVKTPVLLT
HHMRGIDPETGNLLGALSDEQALRARRLMDSAGVTVDYESVPDASYMMHQSAPARYVEIFTRWAAALAPHHHHHH
;
_entity_poly.pdbx_strand_id   A,B,C,D
#
# COMPACT_ATOMS: atom_id res chain seq x y z
N SER A 4 -29.26 -10.95 -13.88
CA SER A 4 -28.02 -11.03 -13.11
C SER A 4 -27.30 -9.68 -13.11
N PRO A 5 -26.86 -9.22 -11.93
CA PRO A 5 -26.15 -7.92 -11.90
C PRO A 5 -24.84 -7.93 -12.68
N ALA A 6 -24.11 -9.05 -12.65
CA ALA A 6 -22.86 -9.12 -13.40
C ALA A 6 -23.07 -8.79 -14.87
N LEU A 7 -24.21 -9.22 -15.43
CA LEU A 7 -24.56 -8.90 -16.80
C LEU A 7 -25.20 -7.53 -16.95
N ARG A 8 -25.42 -6.82 -15.84
CA ARG A 8 -26.01 -5.48 -15.87
C ARG A 8 -27.39 -5.49 -16.51
N ASP A 9 -28.09 -6.62 -16.40
CA ASP A 9 -29.44 -6.78 -16.91
C ASP A 9 -30.41 -6.79 -15.74
N VAL A 10 -30.62 -5.60 -15.15
CA VAL A 10 -31.33 -5.49 -13.89
C VAL A 10 -32.18 -4.23 -13.84
N HIS A 11 -31.99 -3.32 -14.79
CA HIS A 11 -32.53 -1.99 -14.67
C HIS A 11 -34.05 -1.98 -14.92
N VAL A 12 -34.72 -0.99 -14.32
CA VAL A 12 -36.17 -0.88 -14.37
C VAL A 12 -36.55 0.57 -14.63
N PRO A 13 -37.78 0.81 -15.08
CA PRO A 13 -38.23 2.19 -15.28
C PRO A 13 -38.50 2.90 -13.96
N HIS A 14 -38.52 4.22 -14.02
CA HIS A 14 -38.71 5.06 -12.84
C HIS A 14 -39.62 6.22 -13.20
N ALA A 15 -39.88 7.08 -12.21
CA ALA A 15 -40.87 8.14 -12.38
C ALA A 15 -40.47 9.12 -13.47
N TYR A 16 -39.18 9.26 -13.74
CA TYR A 16 -38.70 10.22 -14.73
C TYR A 16 -37.98 9.50 -15.87
N PRO A 17 -38.05 10.04 -17.09
CA PRO A 17 -37.26 9.46 -18.17
C PRO A 17 -35.78 9.61 -17.91
N GLU A 18 -35.00 8.66 -18.42
CA GLU A 18 -33.57 8.63 -18.21
C GLU A 18 -32.84 9.08 -19.48
N GLN A 19 -31.79 9.87 -19.29
CA GLN A 19 -30.98 10.39 -20.37
C GLN A 19 -29.53 9.97 -20.18
N GLN A 20 -28.75 10.06 -21.25
CA GLN A 20 -27.35 9.69 -21.23
C GLN A 20 -26.53 10.75 -21.94
N VAL A 21 -25.29 10.93 -21.48
CA VAL A 21 -24.35 11.84 -22.10
C VAL A 21 -22.98 11.17 -22.11
N ASP A 22 -22.25 11.32 -23.21
CA ASP A 22 -20.89 10.79 -23.32
C ASP A 22 -19.93 11.80 -22.69
N LEU A 23 -19.33 11.42 -21.56
CA LEU A 23 -18.37 12.26 -20.88
C LEU A 23 -16.94 11.98 -21.32
N GLY A 24 -16.74 11.07 -22.27
CA GLY A 24 -15.41 10.69 -22.70
C GLY A 24 -15.10 9.26 -22.33
N GLU A 25 -14.52 9.06 -21.14
CA GLU A 25 -14.23 7.70 -20.69
C GLU A 25 -15.51 6.91 -20.46
N ILE A 26 -16.57 7.58 -20.00
CA ILE A 26 -17.80 6.90 -19.61
C ILE A 26 -19.00 7.57 -20.26
N THR A 27 -20.11 6.84 -20.25
CA THR A 27 -21.43 7.39 -20.52
C THR A 27 -22.15 7.52 -19.18
N MET A 28 -22.63 8.71 -18.87
CA MET A 28 -23.33 8.97 -17.62
C MET A 28 -24.83 9.00 -17.86
N ASN A 29 -25.56 8.15 -17.14
CA ASN A 29 -27.01 8.15 -17.18
C ASN A 29 -27.56 9.06 -16.09
N TYR A 30 -28.58 9.84 -16.43
CA TYR A 30 -29.14 10.80 -15.48
C TYR A 30 -30.62 11.00 -15.78
N ALA A 31 -31.31 11.62 -14.83
CA ALA A 31 -32.69 12.05 -14.99
C ALA A 31 -32.78 13.53 -14.67
N GLU A 32 -33.73 14.20 -15.32
CA GLU A 32 -33.86 15.65 -15.24
C GLU A 32 -35.30 16.01 -14.89
N ALA A 33 -35.45 17.10 -14.15
CA ALA A 33 -36.78 17.57 -13.75
C ALA A 33 -36.72 19.06 -13.47
N GLY A 34 -37.89 19.68 -13.44
CA GLY A 34 -38.01 21.09 -13.15
C GLY A 34 -37.89 21.96 -14.38
N ASP A 35 -38.20 23.24 -14.19
CA ASP A 35 -38.12 24.21 -15.28
C ASP A 35 -36.65 24.48 -15.62
N PRO A 36 -36.23 24.31 -16.88
CA PRO A 36 -34.82 24.56 -17.20
C PRO A 36 -34.38 25.99 -16.96
N ASP A 37 -35.31 26.92 -16.78
CA ASP A 37 -34.96 28.31 -16.52
C ASP A 37 -34.64 28.57 -15.05
N ARG A 38 -34.98 27.64 -14.16
CA ARG A 38 -34.75 27.83 -12.73
C ARG A 38 -33.31 27.46 -12.38
N PRO A 39 -32.83 27.84 -11.19
CA PRO A 39 -31.45 27.53 -10.81
C PRO A 39 -31.20 26.04 -10.84
N ALA A 40 -30.06 25.66 -11.41
CA ALA A 40 -29.74 24.26 -11.61
C ALA A 40 -29.26 23.62 -10.31
N VAL A 41 -29.68 22.38 -10.09
CA VAL A 41 -29.28 21.59 -8.94
C VAL A 41 -28.79 20.24 -9.44
N LEU A 42 -27.77 19.70 -8.79
CA LEU A 42 -27.19 18.41 -9.15
C LEU A 42 -27.18 17.52 -7.93
N LEU A 43 -27.87 16.38 -8.01
CA LEU A 43 -28.00 15.45 -6.90
C LEU A 43 -27.07 14.25 -7.13
N ILE A 44 -26.20 14.00 -6.17
CA ILE A 44 -25.24 12.89 -6.22
C ILE A 44 -25.71 11.83 -5.24
N PRO A 45 -26.04 10.62 -5.69
CA PRO A 45 -26.54 9.59 -4.76
C PRO A 45 -25.45 9.11 -3.81
N GLU A 46 -25.90 8.35 -2.81
CA GLU A 46 -25.01 7.66 -1.90
C GLU A 46 -24.28 6.54 -2.63
N GLN A 47 -23.30 5.94 -1.96
CA GLN A 47 -22.70 4.72 -2.48
C GLN A 47 -23.74 3.61 -2.50
N THR A 48 -23.77 2.86 -3.60
CA THR A 48 -24.75 1.83 -3.91
C THR A 48 -26.05 2.44 -4.41
N GLY A 49 -26.20 3.76 -4.41
CA GLY A 49 -27.45 4.41 -4.79
C GLY A 49 -27.37 4.96 -6.20
N SER A 50 -28.46 4.78 -6.94
CA SER A 50 -28.58 5.32 -8.29
C SER A 50 -29.29 6.68 -8.22
N TRP A 51 -29.42 7.32 -9.39
CA TRP A 51 -30.05 8.64 -9.42
C TRP A 51 -31.44 8.60 -8.80
N TRP A 52 -32.17 7.50 -9.01
CA TRP A 52 -33.55 7.42 -8.53
C TRP A 52 -33.64 7.25 -7.02
N SER A 53 -32.51 7.25 -6.31
CA SER A 53 -32.55 7.39 -4.86
C SER A 53 -33.18 8.72 -4.45
N TYR A 54 -33.18 9.71 -5.36
CA TYR A 54 -33.76 11.01 -5.11
C TYR A 54 -35.15 11.17 -5.73
N GLU A 55 -35.76 10.08 -6.19
CA GLU A 55 -37.00 10.18 -6.94
C GLU A 55 -38.04 11.04 -6.21
N GLU A 56 -38.34 10.70 -4.96
CA GLU A 56 -39.34 11.45 -4.21
C GLU A 56 -38.89 12.89 -4.00
N ALA A 57 -37.62 13.08 -3.62
CA ALA A 57 -37.11 14.44 -3.40
C ALA A 57 -37.13 15.26 -4.68
N MET A 58 -36.90 14.62 -5.83
CA MET A 58 -36.90 15.35 -7.09
C MET A 58 -38.25 15.99 -7.36
N GLY A 59 -39.34 15.30 -6.99
CA GLY A 59 -40.66 15.86 -7.23
C GLY A 59 -40.88 17.18 -6.52
N LEU A 60 -40.35 17.31 -5.30
CA LEU A 60 -40.51 18.55 -4.55
C LEU A 60 -39.52 19.61 -5.04
N LEU A 61 -38.24 19.25 -5.17
CA LEU A 61 -37.24 20.21 -5.60
C LEU A 61 -37.53 20.73 -7.00
N SER A 62 -38.14 19.91 -7.85
CA SER A 62 -38.46 20.35 -9.21
C SER A 62 -39.39 21.54 -9.23
N GLU A 63 -40.10 21.80 -8.13
CA GLU A 63 -40.99 22.95 -8.08
C GLU A 63 -40.21 24.26 -8.03
N HIS A 64 -39.00 24.23 -7.48
CA HIS A 64 -38.19 25.44 -7.32
C HIS A 64 -36.93 25.45 -8.17
N PHE A 65 -36.32 24.29 -8.42
CA PHE A 65 -35.03 24.23 -9.09
C PHE A 65 -35.10 23.36 -10.34
N HIS A 66 -34.07 23.50 -11.17
CA HIS A 66 -33.84 22.61 -12.31
C HIS A 66 -32.92 21.50 -11.82
N VAL A 67 -33.48 20.31 -11.61
CA VAL A 67 -32.81 19.25 -10.88
C VAL A 67 -32.21 18.25 -11.85
N TYR A 68 -30.95 17.89 -11.62
CA TYR A 68 -30.28 16.79 -12.31
C TYR A 68 -29.90 15.74 -11.27
N ALA A 69 -30.31 14.50 -11.50
CA ALA A 69 -29.89 13.36 -10.69
C ALA A 69 -29.11 12.40 -11.58
N VAL A 70 -27.90 12.05 -11.14
CA VAL A 70 -26.95 11.35 -11.99
C VAL A 70 -26.60 9.99 -11.39
N ASP A 71 -26.31 9.04 -12.27
CA ASP A 71 -25.68 7.78 -11.90
C ASP A 71 -24.16 7.94 -12.04
N LEU A 72 -23.44 7.82 -10.93
CA LEU A 72 -22.00 7.85 -10.99
C LEU A 72 -21.49 6.63 -11.75
N ARG A 73 -20.22 6.69 -12.16
CA ARG A 73 -19.59 5.53 -12.76
C ARG A 73 -19.60 4.37 -11.76
N GLY A 74 -19.74 3.15 -12.29
CA GLY A 74 -19.87 2.00 -11.42
C GLY A 74 -21.20 1.90 -10.72
N GLN A 75 -22.23 2.56 -11.23
CA GLN A 75 -23.53 2.59 -10.57
C GLN A 75 -24.62 2.86 -11.60
N GLY A 76 -25.77 2.25 -11.40
CA GLY A 76 -26.92 2.55 -12.24
C GLY A 76 -26.71 2.09 -13.66
N ARG A 77 -27.00 2.98 -14.60
CA ARG A 77 -26.83 2.71 -16.03
C ARG A 77 -25.58 3.37 -16.60
N SER A 78 -24.77 4.01 -15.78
CA SER A 78 -23.52 4.59 -16.25
C SER A 78 -22.46 3.50 -16.38
N SER A 79 -21.37 3.85 -17.07
CA SER A 79 -20.34 2.86 -17.38
C SER A 79 -19.73 2.29 -16.10
N TRP A 80 -19.52 0.98 -16.10
CA TRP A 80 -18.68 0.33 -15.11
C TRP A 80 -17.23 0.39 -15.62
N THR A 81 -16.34 0.96 -14.82
CA THR A 81 -14.95 1.19 -15.21
C THR A 81 -14.03 0.40 -14.27
N PRO A 82 -13.73 -0.84 -14.58
CA PRO A 82 -12.83 -1.62 -13.73
C PRO A 82 -11.50 -0.90 -13.51
N LYS A 83 -11.03 -0.94 -12.26
CA LYS A 83 -9.72 -0.43 -11.86
C LYS A 83 -9.60 1.10 -11.96
N ARG A 84 -10.71 1.81 -12.12
CA ARG A 84 -10.67 3.25 -12.35
C ARG A 84 -11.43 4.06 -11.30
N TYR A 85 -11.85 3.45 -10.20
CA TYR A 85 -12.73 4.10 -9.24
C TYR A 85 -11.91 4.90 -8.24
N SER A 86 -12.03 6.23 -8.32
CA SER A 86 -11.33 7.12 -7.42
C SER A 86 -12.14 8.41 -7.29
N LEU A 87 -11.95 9.10 -6.17
CA LEU A 87 -12.66 10.36 -5.95
C LEU A 87 -12.39 11.35 -7.09
N ASP A 88 -11.15 11.36 -7.60
CA ASP A 88 -10.82 12.30 -8.66
C ASP A 88 -11.52 11.94 -9.97
N ASN A 89 -11.73 10.66 -10.23
CA ASN A 89 -12.46 10.26 -11.44
C ASN A 89 -13.95 10.45 -11.25
N PHE A 90 -14.49 10.11 -10.07
CA PHE A 90 -15.87 10.46 -9.77
C PHE A 90 -16.10 11.94 -9.96
N GLY A 91 -15.27 12.77 -9.31
CA GLY A 91 -15.49 14.21 -9.35
C GLY A 91 -15.35 14.79 -10.74
N ASN A 92 -14.32 14.36 -11.48
CA ASN A 92 -14.11 14.91 -12.81
C ASN A 92 -15.20 14.48 -13.78
N ASP A 93 -15.81 13.32 -13.55
CA ASP A 93 -17.01 12.97 -14.31
C ASP A 93 -18.09 14.03 -14.13
N LEU A 94 -18.27 14.51 -12.89
CA LEU A 94 -19.29 15.51 -12.63
C LEU A 94 -18.89 16.88 -13.17
N VAL A 95 -17.59 17.18 -13.18
CA VAL A 95 -17.12 18.40 -13.82
C VAL A 95 -17.52 18.41 -15.29
N ARG A 96 -17.32 17.27 -15.97
CA ARG A 96 -17.69 17.19 -17.38
C ARG A 96 -19.20 17.20 -17.57
N PHE A 97 -19.94 16.60 -16.64
CA PHE A 97 -21.40 16.60 -16.74
C PHE A 97 -21.93 18.03 -16.70
N ILE A 98 -21.45 18.82 -15.73
CA ILE A 98 -21.88 20.22 -15.64
C ILE A 98 -21.49 20.97 -16.89
N ALA A 99 -20.27 20.74 -17.39
CA ALA A 99 -19.79 21.48 -18.55
C ALA A 99 -20.56 21.12 -19.81
N LEU A 100 -20.87 19.84 -20.01
CA LEU A 100 -21.46 19.37 -21.25
C LEU A 100 -22.98 19.43 -21.26
N VAL A 101 -23.63 19.19 -20.11
CA VAL A 101 -25.08 19.05 -20.04
C VAL A 101 -25.73 20.30 -19.42
N VAL A 102 -25.31 20.67 -18.21
CA VAL A 102 -25.99 21.76 -17.50
C VAL A 102 -25.60 23.10 -18.10
N LYS A 103 -24.31 23.33 -18.30
CA LYS A 103 -23.80 24.58 -18.87
C LYS A 103 -24.19 25.79 -18.04
N ARG A 104 -24.50 25.59 -16.76
CA ARG A 104 -24.87 26.66 -15.86
C ARG A 104 -24.34 26.34 -14.48
N PRO A 105 -24.09 27.36 -13.65
CA PRO A 105 -23.66 27.09 -12.28
C PRO A 105 -24.71 26.28 -11.53
N VAL A 106 -24.25 25.34 -10.71
CA VAL A 106 -25.13 24.38 -10.07
C VAL A 106 -24.91 24.40 -8.56
N VAL A 107 -25.97 24.11 -7.83
CA VAL A 107 -25.91 23.78 -6.40
C VAL A 107 -25.89 22.27 -6.30
N VAL A 108 -24.88 21.72 -5.63
CA VAL A 108 -24.64 20.29 -5.59
C VAL A 108 -25.04 19.77 -4.21
N ALA A 109 -25.95 18.80 -4.19
CA ALA A 109 -26.28 18.06 -2.98
C ALA A 109 -25.87 16.61 -3.14
N GLY A 110 -25.11 16.12 -2.19
CA GLY A 110 -24.63 14.74 -2.23
C GLY A 110 -24.80 14.07 -0.90
N ASN A 111 -25.19 12.80 -0.95
CA ASN A 111 -25.40 11.98 0.24
C ASN A 111 -24.26 10.97 0.35
N SER A 112 -23.82 10.72 1.58
CA SER A 112 -22.81 9.69 1.86
C SER A 112 -21.58 10.00 1.01
N SER A 113 -21.03 9.04 0.26
CA SER A 113 -19.92 9.33 -0.62
C SER A 113 -20.25 10.47 -1.58
N GLY A 114 -21.52 10.58 -1.98
CA GLY A 114 -21.92 11.67 -2.85
C GLY A 114 -21.71 13.03 -2.22
N GLY A 115 -21.85 13.12 -0.89
CA GLY A 115 -21.54 14.36 -0.21
C GLY A 115 -20.05 14.64 -0.15
N VAL A 116 -19.24 13.58 -0.01
CA VAL A 116 -17.80 13.75 -0.14
C VAL A 116 -17.45 14.29 -1.52
N LEU A 117 -18.16 13.82 -2.54
CA LEU A 117 -17.92 14.31 -3.89
C LEU A 117 -18.48 15.71 -4.09
N ALA A 118 -19.50 16.09 -3.33
CA ALA A 118 -20.00 17.46 -3.41
C ALA A 118 -18.96 18.45 -2.92
N ALA A 119 -18.29 18.13 -1.80
CA ALA A 119 -17.19 18.96 -1.34
C ALA A 119 -16.01 18.89 -2.31
N TRP A 120 -15.81 17.74 -2.95
CA TRP A 120 -14.80 17.64 -3.99
C TRP A 120 -15.00 18.71 -5.05
N LEU A 121 -16.24 18.87 -5.52
CA LEU A 121 -16.51 19.85 -6.57
C LEU A 121 -16.35 21.27 -6.03
N SER A 122 -16.78 21.53 -4.80
CA SER A 122 -16.63 22.86 -4.23
C SER A 122 -15.18 23.31 -4.25
N ALA A 123 -14.25 22.37 -4.08
CA ALA A 123 -12.83 22.68 -4.03
C ALA A 123 -12.11 22.49 -5.37
N TYR A 124 -12.54 21.52 -6.18
CA TYR A 124 -11.76 21.08 -7.33
C TYR A 124 -12.50 21.17 -8.66
N SER A 125 -13.73 21.68 -8.70
CA SER A 125 -14.43 21.85 -9.96
C SER A 125 -13.72 22.93 -10.80
N MET A 126 -14.24 23.15 -12.00
CA MET A 126 -13.76 24.25 -12.81
C MET A 126 -14.31 25.56 -12.26
N PRO A 127 -13.63 26.68 -12.50
CA PRO A 127 -14.06 27.95 -11.91
C PRO A 127 -15.48 28.32 -12.31
N GLY A 128 -16.29 28.69 -11.31
CA GLY A 128 -17.64 29.15 -11.54
C GLY A 128 -18.67 28.07 -11.77
N GLN A 129 -18.28 26.79 -11.70
CA GLN A 129 -19.24 25.73 -11.97
C GLN A 129 -20.26 25.57 -10.86
N LEU A 130 -19.92 25.96 -9.64
CA LEU A 130 -20.74 25.68 -8.46
C LEU A 130 -21.14 26.97 -7.76
N ARG A 131 -22.38 27.03 -7.29
CA ARG A 131 -22.86 28.10 -6.44
C ARG A 131 -22.70 27.79 -4.96
N GLY A 132 -22.74 26.51 -4.61
CA GLY A 132 -22.70 26.06 -3.23
C GLY A 132 -23.02 24.59 -3.17
N VAL A 133 -22.73 23.93 -2.05
CA VAL A 133 -22.90 22.50 -1.95
C VAL A 133 -23.60 22.14 -0.64
N LEU A 134 -24.40 21.09 -0.70
CA LEU A 134 -25.04 20.49 0.47
C LEU A 134 -24.49 19.09 0.62
N CYS A 135 -23.76 18.85 1.69
CA CYS A 135 -23.16 17.54 1.98
C CYS A 135 -24.07 16.84 2.98
N GLU A 136 -24.93 15.95 2.47
CA GLU A 136 -25.93 15.28 3.29
C GLU A 136 -25.29 14.11 4.01
N ASP A 137 -25.07 14.26 5.32
CA ASP A 137 -24.47 13.23 6.15
C ASP A 137 -23.21 12.67 5.48
N PRO A 138 -22.19 13.50 5.26
CA PRO A 138 -21.03 13.07 4.49
C PRO A 138 -20.01 12.37 5.38
N PRO A 139 -19.43 11.26 4.92
CA PRO A 139 -18.38 10.59 5.70
C PRO A 139 -17.01 11.26 5.55
N PHE A 140 -16.95 12.55 5.89
CA PHE A 140 -15.67 13.24 5.92
C PHE A 140 -14.73 12.51 6.87
N PHE A 141 -13.55 12.14 6.38
CA PHE A 141 -12.54 11.41 7.13
C PHE A 141 -12.97 9.96 7.39
N ALA A 142 -14.22 9.75 7.79
CA ALA A 142 -14.69 8.42 8.13
C ALA A 142 -14.67 7.46 6.93
N SER A 143 -14.74 7.99 5.71
CA SER A 143 -14.66 7.15 4.52
C SER A 143 -13.24 6.94 4.04
N GLU A 144 -12.26 7.56 4.68
CA GLU A 144 -10.85 7.39 4.32
C GLU A 144 -10.25 6.22 5.08
N LEU A 145 -9.20 5.64 4.50
CA LEU A 145 -8.46 4.59 5.19
C LEU A 145 -7.44 5.19 6.15
N VAL A 146 -6.82 6.30 5.77
CA VAL A 146 -5.86 7.01 6.63
C VAL A 146 -6.38 8.43 6.79
N PRO A 147 -7.39 8.67 7.62
CA PRO A 147 -7.88 10.03 7.83
C PRO A 147 -6.98 10.82 8.75
N ALA A 148 -6.98 12.14 8.53
CA ALA A 148 -6.24 13.05 9.40
C ALA A 148 -6.94 13.29 10.73
N HIS A 149 -8.21 12.89 10.86
CA HIS A 149 -8.96 13.12 12.08
C HIS A 149 -9.97 11.99 12.28
N GLY A 150 -10.03 11.46 13.50
CA GLY A 150 -11.12 10.59 13.89
C GLY A 150 -11.04 9.18 13.31
N HIS A 151 -12.19 8.52 13.31
CA HIS A 151 -12.29 7.13 12.88
C HIS A 151 -11.89 6.99 11.42
N SER A 152 -11.37 5.82 11.07
CA SER A 152 -11.14 5.43 9.69
C SER A 152 -12.29 4.56 9.21
N VAL A 153 -12.31 4.33 7.89
CA VAL A 153 -13.38 3.52 7.29
C VAL A 153 -13.45 2.16 7.95
N ARG A 154 -12.31 1.59 8.35
CA ARG A 154 -12.30 0.28 8.98
C ARG A 154 -13.04 0.30 10.32
N GLN A 155 -13.25 1.48 10.90
CA GLN A 155 -13.98 1.62 12.15
C GLN A 155 -15.43 2.05 11.95
N GLY A 156 -15.86 2.23 10.70
CA GLY A 156 -17.21 2.69 10.42
C GLY A 156 -17.92 1.80 9.43
N ALA A 157 -18.02 2.25 8.17
CA ALA A 157 -18.66 1.48 7.13
C ALA A 157 -17.76 0.40 6.53
N GLY A 158 -16.50 0.35 6.94
CA GLY A 158 -15.55 -0.60 6.40
C GLY A 158 -16.05 -2.04 6.39
N PRO A 159 -16.56 -2.51 7.54
CA PRO A 159 -17.10 -3.88 7.57
C PRO A 159 -18.10 -4.17 6.47
N VAL A 160 -18.94 -3.20 6.10
CA VAL A 160 -19.89 -3.42 5.03
C VAL A 160 -19.17 -3.53 3.69
N PHE A 161 -18.29 -2.57 3.40
CA PHE A 161 -17.56 -2.61 2.14
C PHE A 161 -16.76 -3.91 2.01
N GLU A 162 -16.21 -4.40 3.12
CA GLU A 162 -15.48 -5.66 3.09
C GLU A 162 -16.38 -6.79 2.63
N LEU A 163 -17.64 -6.79 3.06
CA LEU A 163 -18.57 -7.83 2.64
C LEU A 163 -18.97 -7.67 1.19
N PHE A 164 -19.15 -6.42 0.73
CA PHE A 164 -19.38 -6.17 -0.68
C PHE A 164 -18.23 -6.71 -1.52
N ARG A 165 -16.99 -6.45 -1.08
CA ARG A 165 -15.82 -6.84 -1.86
C ARG A 165 -15.67 -8.35 -1.91
N THR A 166 -15.88 -9.04 -0.79
CA THR A 166 -15.58 -10.46 -0.73
C THR A 166 -16.69 -11.30 -1.39
N TYR A 167 -17.95 -10.93 -1.20
CA TYR A 167 -19.06 -11.79 -1.61
C TYR A 167 -19.74 -11.32 -2.89
N LEU A 168 -19.76 -10.01 -3.16
CA LEU A 168 -20.25 -9.54 -4.46
C LEU A 168 -19.10 -9.47 -5.48
N GLY A 169 -17.97 -8.89 -5.09
CA GLY A 169 -16.80 -8.88 -5.94
C GLY A 169 -16.86 -7.83 -7.03
N ASP A 170 -15.70 -7.60 -7.64
CA ASP A 170 -15.59 -6.61 -8.70
C ASP A 170 -16.57 -6.93 -9.83
N GLN A 171 -17.39 -5.94 -10.18
CA GLN A 171 -18.39 -6.10 -11.24
C GLN A 171 -19.31 -7.28 -10.97
N TRP A 172 -19.60 -7.55 -9.70
CA TRP A 172 -20.45 -8.68 -9.30
C TRP A 172 -19.89 -10.00 -9.81
N SER A 173 -18.57 -10.05 -10.03
CA SER A 173 -17.95 -11.24 -10.59
C SER A 173 -18.14 -12.45 -9.69
N VAL A 174 -18.27 -12.24 -8.39
CA VAL A 174 -18.53 -13.34 -7.46
C VAL A 174 -20.02 -13.63 -7.36
N GLY A 175 -20.82 -12.57 -7.21
CA GLY A 175 -22.27 -12.72 -7.18
C GLY A 175 -22.76 -13.72 -6.17
N ASP A 176 -22.08 -13.81 -5.03
CA ASP A 176 -22.47 -14.72 -3.96
C ASP A 176 -23.26 -13.97 -2.88
N TRP A 177 -24.42 -13.45 -3.30
CA TRP A 177 -25.30 -12.78 -2.36
C TRP A 177 -25.70 -13.70 -1.21
N GLU A 178 -25.82 -15.00 -1.48
CA GLU A 178 -26.08 -15.97 -0.43
C GLU A 178 -25.05 -15.84 0.69
N GLY A 179 -23.77 -15.79 0.32
CA GLY A 179 -22.73 -15.64 1.32
C GLY A 179 -22.69 -14.27 1.96
N PHE A 180 -23.03 -13.22 1.20
CA PHE A 180 -23.09 -11.89 1.77
C PHE A 180 -24.08 -11.83 2.92
N CYS A 181 -25.28 -12.39 2.72
CA CYS A 181 -26.28 -12.42 3.79
C CYS A 181 -25.75 -13.18 5.00
N ARG A 182 -25.22 -14.38 4.77
CA ARG A 182 -24.63 -15.17 5.84
C ARG A 182 -23.59 -14.35 6.61
N ALA A 183 -22.61 -13.80 5.90
CA ALA A 183 -21.56 -13.03 6.55
C ALA A 183 -22.10 -11.75 7.17
N ALA A 184 -23.08 -11.13 6.52
CA ALA A 184 -23.65 -9.89 7.04
C ALA A 184 -24.31 -10.12 8.40
N GLY A 185 -24.97 -11.26 8.56
CA GLY A 185 -25.60 -11.61 9.82
C GLY A 185 -24.67 -12.08 10.90
N ALA A 186 -23.35 -11.99 10.68
CA ALA A 186 -22.38 -12.43 11.68
C ALA A 186 -21.22 -11.46 11.81
N SER A 187 -21.35 -10.23 11.31
CA SER A 187 -20.28 -9.24 11.40
C SER A 187 -20.37 -8.48 12.71
N VAL A 196 -29.74 -8.76 3.69
CA VAL A 196 -29.87 -7.53 4.44
C VAL A 196 -31.22 -7.49 5.16
N ALA A 197 -32.24 -6.97 4.47
CA ALA A 197 -33.57 -6.91 5.09
C ALA A 197 -34.69 -6.69 4.08
N ASP A 198 -34.49 -7.00 2.80
CA ASP A 198 -35.52 -6.77 1.78
C ASP A 198 -35.11 -7.43 0.46
N GLY A 199 -34.38 -8.53 0.54
CA GLY A 199 -33.82 -9.15 -0.65
C GLY A 199 -32.69 -8.30 -1.21
N ILE A 200 -32.15 -8.74 -2.34
CA ILE A 200 -31.12 -7.96 -3.02
C ILE A 200 -31.76 -6.63 -3.41
N PRO A 201 -31.39 -5.51 -2.78
CA PRO A 201 -32.01 -4.24 -3.16
C PRO A 201 -31.66 -3.88 -4.60
N GLN A 202 -32.65 -3.38 -5.33
CA GLN A 202 -32.45 -3.02 -6.73
C GLN A 202 -31.26 -2.10 -6.90
N HIS A 203 -31.12 -1.10 -6.02
CA HIS A 203 -30.00 -0.16 -6.12
C HIS A 203 -28.67 -0.88 -6.03
N LEU A 204 -28.60 -1.96 -5.25
CA LEU A 204 -27.34 -2.69 -5.11
C LEU A 204 -27.07 -3.57 -6.32
N GLN A 205 -28.12 -4.01 -7.02
CA GLN A 205 -27.93 -4.80 -8.23
C GLN A 205 -27.39 -3.96 -9.38
N GLU A 206 -27.57 -2.64 -9.32
CA GLU A 206 -27.03 -1.71 -10.30
C GLU A 206 -25.65 -1.20 -9.90
N TYR A 207 -25.09 -1.72 -8.82
CA TYR A 207 -23.91 -1.16 -8.17
C TYR A 207 -22.71 -2.06 -8.44
N ASP A 208 -21.59 -1.44 -8.83
CA ASP A 208 -20.35 -2.16 -9.05
C ASP A 208 -19.62 -2.30 -7.73
N PRO A 209 -19.53 -3.51 -7.15
CA PRO A 209 -18.92 -3.63 -5.81
C PRO A 209 -17.45 -3.26 -5.75
N GLU A 210 -16.78 -3.02 -6.90
CA GLU A 210 -15.41 -2.52 -6.82
C GLU A 210 -15.37 -1.17 -6.11
N TRP A 211 -16.48 -0.43 -6.15
CA TRP A 211 -16.68 0.72 -5.26
C TRP A 211 -16.23 0.40 -3.84
N ALA A 212 -16.81 -0.66 -3.26
CA ALA A 212 -16.51 -1.02 -1.89
C ALA A 212 -15.03 -1.37 -1.71
N ARG A 213 -14.45 -2.03 -2.70
CA ARG A 213 -13.04 -2.41 -2.61
C ARG A 213 -12.15 -1.18 -2.47
N VAL A 214 -12.33 -0.19 -3.35
CA VAL A 214 -11.45 0.97 -3.32
C VAL A 214 -11.63 1.76 -2.04
N PHE A 215 -12.81 1.70 -1.43
CA PHE A 215 -13.02 2.35 -0.15
C PHE A 215 -12.42 1.54 0.98
N TYR A 216 -12.64 0.22 0.98
CA TYR A 216 -12.06 -0.62 2.02
C TYR A 216 -10.54 -0.63 1.94
N GLU A 217 -9.99 -0.70 0.73
CA GLU A 217 -8.54 -0.78 0.54
C GLU A 217 -7.85 0.57 0.58
N GLY A 218 -8.60 1.67 0.64
CA GLY A 218 -8.01 2.98 0.77
C GLY A 218 -7.40 3.53 -0.50
N THR A 219 -7.79 3.02 -1.66
CA THR A 219 -7.27 3.50 -2.93
C THR A 219 -8.14 4.58 -3.56
N VAL A 220 -9.42 4.65 -3.18
CA VAL A 220 -10.33 5.60 -3.82
C VAL A 220 -9.86 7.02 -3.60
N GLY A 221 -9.31 7.32 -2.43
CA GLY A 221 -8.90 8.66 -2.10
C GLY A 221 -7.42 8.78 -1.77
N LEU A 222 -6.63 7.81 -2.24
CA LEU A 222 -5.19 7.85 -1.97
C LEU A 222 -4.58 9.16 -2.42
N SER A 223 -4.99 9.65 -3.59
CA SER A 223 -4.47 10.89 -4.16
C SER A 223 -5.38 12.08 -3.88
N CYS A 224 -6.28 11.97 -2.91
CA CYS A 224 -7.26 13.01 -2.62
C CYS A 224 -7.59 12.99 -1.14
N PRO A 225 -6.63 13.37 -0.29
CA PRO A 225 -6.91 13.41 1.15
C PRO A 225 -7.98 14.45 1.45
N HIS A 226 -8.93 14.08 2.31
CA HIS A 226 -10.02 14.98 2.65
C HIS A 226 -9.50 16.26 3.30
N GLU A 227 -8.42 16.16 4.08
CA GLU A 227 -7.84 17.34 4.71
C GLU A 227 -7.53 18.41 3.68
N ARG A 228 -6.86 18.05 2.59
CA ARG A 228 -6.54 19.02 1.54
C ARG A 228 -7.81 19.48 0.83
N MET A 229 -8.73 18.55 0.57
CA MET A 229 -9.99 18.91 -0.07
C MET A 229 -10.77 19.92 0.75
N LEU A 230 -11.13 19.55 1.98
CA LEU A 230 -11.93 20.44 2.82
C LEU A 230 -11.24 21.77 3.06
N GLY A 231 -9.92 21.77 3.11
CA GLY A 231 -9.17 23.00 3.28
C GLY A 231 -9.08 23.86 2.04
N GLN A 232 -9.69 23.44 0.93
CA GLN A 232 -9.64 24.19 -0.32
C GLN A 232 -11.02 24.35 -0.95
N VAL A 233 -12.09 24.18 -0.17
CA VAL A 233 -13.42 24.45 -0.70
C VAL A 233 -13.52 25.93 -1.07
N LYS A 234 -14.28 26.22 -2.12
CA LYS A 234 -14.37 27.57 -2.66
C LYS A 234 -15.81 28.07 -2.79
N THR A 235 -16.78 27.36 -2.23
CA THR A 235 -18.18 27.74 -2.27
C THR A 235 -18.77 27.60 -0.88
N PRO A 236 -19.93 28.23 -0.63
CA PRO A 236 -20.63 27.96 0.62
C PRO A 236 -20.94 26.47 0.76
N VAL A 237 -20.94 25.99 2.00
CA VAL A 237 -21.12 24.58 2.29
C VAL A 237 -22.14 24.43 3.41
N LEU A 238 -23.14 23.58 3.18
CA LEU A 238 -24.07 23.15 4.22
C LEU A 238 -23.75 21.70 4.54
N LEU A 239 -23.40 21.43 5.79
CA LEU A 239 -23.08 20.10 6.27
C LEU A 239 -24.19 19.64 7.19
N THR A 240 -25.04 18.75 6.71
CA THR A 240 -26.08 18.13 7.53
C THR A 240 -25.52 16.87 8.17
N HIS A 241 -25.72 16.74 9.48
CA HIS A 241 -25.17 15.64 10.26
C HIS A 241 -26.34 14.88 10.87
N HIS A 242 -26.54 13.63 10.43
CA HIS A 242 -27.70 12.86 10.84
C HIS A 242 -27.35 11.98 12.05
N MET A 243 -27.94 10.78 12.12
CA MET A 243 -27.63 9.87 13.21
C MET A 243 -26.13 9.60 13.27
N ARG A 244 -25.58 9.60 14.48
CA ARG A 244 -24.21 9.16 14.68
C ARG A 244 -24.02 8.76 16.13
N GLY A 245 -23.23 7.71 16.34
CA GLY A 245 -22.97 7.24 17.68
C GLY A 245 -21.83 6.24 17.67
N ILE A 246 -21.61 5.63 18.84
CA ILE A 246 -20.56 4.64 19.02
C ILE A 246 -21.19 3.36 19.54
N ASP A 247 -20.91 2.26 18.86
CA ASP A 247 -21.37 0.95 19.32
C ASP A 247 -20.57 0.55 20.56
N PRO A 248 -21.18 0.45 21.74
CA PRO A 248 -20.39 0.11 22.93
C PRO A 248 -19.63 -1.20 22.81
N GLU A 249 -20.17 -2.19 22.11
CA GLU A 249 -19.53 -3.50 22.06
C GLU A 249 -18.22 -3.45 21.27
N THR A 250 -18.21 -2.74 20.15
CA THR A 250 -17.06 -2.72 19.26
C THR A 250 -16.34 -1.37 19.22
N GLY A 251 -16.92 -0.32 19.78
CA GLY A 251 -16.33 1.00 19.64
C GLY A 251 -16.40 1.57 18.25
N ASN A 252 -17.07 0.88 17.32
CA ASN A 252 -17.15 1.35 15.95
C ASN A 252 -18.06 2.57 15.85
N LEU A 253 -17.91 3.30 14.75
CA LEU A 253 -18.69 4.50 14.50
C LEU A 253 -19.97 4.14 13.77
N LEU A 254 -21.10 4.47 14.37
CA LEU A 254 -22.39 4.40 13.69
C LEU A 254 -22.69 5.76 13.07
N GLY A 255 -23.19 5.75 11.84
CA GLY A 255 -23.46 6.97 11.12
C GLY A 255 -22.40 7.27 10.08
N ALA A 256 -22.47 8.48 9.54
CA ALA A 256 -21.55 8.89 8.49
C ALA A 256 -20.22 9.36 9.08
N LEU A 257 -20.27 10.25 10.06
CA LEU A 257 -19.06 10.81 10.66
C LEU A 257 -19.34 11.20 12.10
N SER A 258 -18.28 11.22 12.90
CA SER A 258 -18.39 11.63 14.29
C SER A 258 -18.50 13.15 14.40
N ASP A 259 -18.88 13.61 15.59
CA ASP A 259 -18.90 15.04 15.84
C ASP A 259 -17.50 15.64 15.75
N GLU A 260 -16.48 14.88 16.16
CA GLU A 260 -15.11 15.35 16.02
C GLU A 260 -14.73 15.54 14.57
N GLN A 261 -15.07 14.56 13.71
CA GLN A 261 -14.75 14.68 12.30
C GLN A 261 -15.54 15.82 11.65
N ALA A 262 -16.78 16.05 12.10
CA ALA A 262 -17.54 17.18 11.59
C ALA A 262 -16.90 18.50 12.00
N LEU A 263 -16.47 18.61 13.25
CA LEU A 263 -15.80 19.82 13.71
C LEU A 263 -14.54 20.08 12.90
N ARG A 264 -13.63 19.11 12.86
CA ARG A 264 -12.39 19.31 12.13
C ARG A 264 -12.64 19.60 10.66
N ALA A 265 -13.70 19.02 10.08
CA ALA A 265 -14.04 19.32 8.70
C ALA A 265 -14.48 20.76 8.55
N ARG A 266 -15.28 21.27 9.50
CA ARG A 266 -15.76 22.64 9.40
C ARG A 266 -14.66 23.65 9.70
N ARG A 267 -13.71 23.28 10.57
CA ARG A 267 -12.56 24.16 10.83
C ARG A 267 -11.71 24.30 9.58
N LEU A 268 -11.44 23.19 8.89
CA LEU A 268 -10.70 23.25 7.63
C LEU A 268 -11.44 24.08 6.61
N MET A 269 -12.75 23.83 6.46
CA MET A 269 -13.53 24.58 5.48
C MET A 269 -13.61 26.05 5.83
N ASP A 270 -13.64 26.38 7.13
CA ASP A 270 -13.63 27.78 7.53
C ASP A 270 -12.30 28.43 7.21
N SER A 271 -11.19 27.71 7.41
CA SER A 271 -9.88 28.24 7.04
C SER A 271 -9.82 28.52 5.54
N ALA A 272 -10.59 27.78 4.74
CA ALA A 272 -10.63 28.06 3.31
C ALA A 272 -11.30 29.38 3.00
N GLY A 273 -12.07 29.94 3.93
CA GLY A 273 -12.68 31.24 3.75
C GLY A 273 -14.10 31.21 3.23
N VAL A 274 -14.79 30.08 3.30
CA VAL A 274 -16.13 29.96 2.78
C VAL A 274 -17.11 29.99 3.95
N THR A 275 -18.38 30.23 3.64
CA THR A 275 -19.44 30.20 4.63
C THR A 275 -19.84 28.74 4.86
N VAL A 276 -19.70 28.28 6.10
CA VAL A 276 -19.98 26.89 6.46
C VAL A 276 -21.20 26.88 7.37
N ASP A 277 -22.27 26.26 6.89
CA ASP A 277 -23.48 26.05 7.68
C ASP A 277 -23.54 24.60 8.13
N TYR A 278 -23.92 24.39 9.39
CA TYR A 278 -23.92 23.07 10.02
C TYR A 278 -25.27 22.86 10.69
N GLU A 279 -25.98 21.81 10.27
CA GLU A 279 -27.30 21.49 10.80
C GLU A 279 -27.30 20.05 11.29
N SER A 280 -27.44 19.88 12.60
CA SER A 280 -27.45 18.56 13.21
C SER A 280 -28.87 18.02 13.24
N VAL A 281 -29.05 16.83 12.69
CA VAL A 281 -30.34 16.14 12.69
C VAL A 281 -30.13 14.75 13.29
N PRO A 282 -29.90 14.64 14.60
CA PRO A 282 -29.44 13.35 15.16
C PRO A 282 -30.45 12.23 15.07
N ASP A 283 -31.68 12.50 14.64
CA ASP A 283 -32.72 11.48 14.59
C ASP A 283 -33.01 10.97 13.18
N ALA A 284 -32.30 11.48 12.17
CA ALA A 284 -32.57 11.12 10.79
C ALA A 284 -31.61 10.04 10.31
N SER A 285 -32.08 9.21 9.39
CA SER A 285 -31.22 8.23 8.76
C SER A 285 -30.26 8.92 7.79
N TYR A 286 -29.22 8.18 7.38
CA TYR A 286 -28.22 8.79 6.50
C TYR A 286 -28.76 9.09 5.12
N MET A 287 -29.85 8.44 4.70
CA MET A 287 -30.52 8.75 3.44
C MET A 287 -31.82 9.51 3.72
N MET A 288 -31.69 10.68 4.34
CA MET A 288 -32.88 11.46 4.67
C MET A 288 -33.62 11.88 3.40
N HIS A 289 -32.90 12.08 2.30
CA HIS A 289 -33.56 12.44 1.05
C HIS A 289 -34.50 11.35 0.56
N GLN A 290 -34.28 10.10 0.99
CA GLN A 290 -35.15 8.99 0.63
C GLN A 290 -36.08 8.58 1.76
N SER A 291 -35.58 8.50 3.00
CA SER A 291 -36.39 8.08 4.13
C SER A 291 -37.35 9.17 4.59
N ALA A 292 -36.96 10.44 4.46
CA ALA A 292 -37.81 11.57 4.81
C ALA A 292 -37.66 12.66 3.76
N PRO A 293 -38.18 12.43 2.55
CA PRO A 293 -37.95 13.40 1.46
C PRO A 293 -38.38 14.81 1.79
N ALA A 294 -39.55 14.98 2.43
CA ALA A 294 -40.03 16.33 2.73
C ALA A 294 -39.09 17.05 3.68
N ARG A 295 -38.63 16.36 4.73
CA ARG A 295 -37.71 16.98 5.68
C ARG A 295 -36.39 17.36 5.00
N TYR A 296 -35.90 16.50 4.12
CA TYR A 296 -34.64 16.80 3.42
C TYR A 296 -34.80 18.02 2.53
N VAL A 297 -35.92 18.12 1.80
CA VAL A 297 -36.11 19.23 0.88
C VAL A 297 -36.31 20.53 1.65
N GLU A 298 -36.90 20.48 2.83
CA GLU A 298 -36.99 21.67 3.67
C GLU A 298 -35.61 22.23 3.98
N ILE A 299 -34.70 21.37 4.44
CA ILE A 299 -33.33 21.80 4.74
C ILE A 299 -32.68 22.36 3.49
N PHE A 300 -32.84 21.68 2.36
CA PHE A 300 -32.23 22.13 1.11
C PHE A 300 -32.76 23.49 0.70
N THR A 301 -34.08 23.61 0.55
CA THR A 301 -34.66 24.86 0.06
C THR A 301 -34.32 26.02 0.97
N ARG A 302 -34.39 25.81 2.29
CA ARG A 302 -34.10 26.89 3.22
C ARG A 302 -32.69 27.43 3.02
N TRP A 303 -31.71 26.54 2.88
CA TRP A 303 -30.33 26.97 2.71
C TRP A 303 -30.07 27.45 1.28
N ALA A 304 -30.58 26.73 0.28
CA ALA A 304 -30.36 27.11 -1.10
C ALA A 304 -30.89 28.50 -1.43
N ALA A 305 -31.71 29.08 -0.56
CA ALA A 305 -32.22 30.43 -0.77
C ALA A 305 -32.14 31.23 0.54
N VAL B 12 12.67 32.14 -14.80
CA VAL B 12 13.35 33.03 -15.73
C VAL B 12 12.46 33.26 -16.95
N PRO B 13 12.76 34.29 -17.74
CA PRO B 13 12.08 34.47 -19.02
C PRO B 13 12.61 33.50 -20.06
N HIS B 14 11.81 33.29 -21.11
CA HIS B 14 12.15 32.33 -22.15
C HIS B 14 11.79 32.93 -23.51
N ALA B 15 11.77 32.08 -24.53
CA ALA B 15 11.60 32.56 -25.90
C ALA B 15 10.21 33.11 -26.18
N TYR B 16 9.22 32.73 -25.39
CA TYR B 16 7.85 33.18 -25.61
C TYR B 16 7.28 33.80 -24.35
N PRO B 17 6.35 34.74 -24.48
CA PRO B 17 5.63 35.22 -23.30
C PRO B 17 4.75 34.12 -22.73
N GLU B 18 4.54 34.19 -21.42
CA GLU B 18 3.81 33.16 -20.69
C GLU B 18 2.44 33.66 -20.28
N GLN B 19 1.47 32.74 -20.27
CA GLN B 19 0.11 33.02 -19.86
C GLN B 19 -0.30 32.02 -18.78
N GLN B 20 -1.33 32.39 -18.02
CA GLN B 20 -1.85 31.55 -16.96
C GLN B 20 -3.37 31.49 -17.05
N VAL B 21 -3.92 30.31 -16.76
CA VAL B 21 -5.37 30.10 -16.77
C VAL B 21 -5.76 29.38 -15.49
N ASP B 22 -6.90 29.78 -14.92
CA ASP B 22 -7.44 29.12 -13.75
C ASP B 22 -8.24 27.90 -14.18
N LEU B 23 -7.75 26.71 -13.86
CA LEU B 23 -8.45 25.47 -14.17
C LEU B 23 -9.34 25.00 -13.01
N GLY B 24 -9.42 25.78 -11.94
CA GLY B 24 -10.19 25.38 -10.77
C GLY B 24 -9.29 25.11 -9.59
N GLU B 25 -8.77 23.88 -9.50
CA GLU B 25 -7.88 23.54 -8.40
C GLU B 25 -6.53 24.21 -8.55
N ILE B 26 -6.06 24.40 -9.79
CA ILE B 26 -4.71 24.87 -10.05
C ILE B 26 -4.75 26.03 -11.05
N THR B 27 -3.65 26.76 -11.08
CA THR B 27 -3.36 27.71 -12.15
C THR B 27 -2.32 27.06 -13.06
N MET B 28 -2.62 26.96 -14.35
CA MET B 28 -1.72 26.34 -15.30
C MET B 28 -1.01 27.42 -16.09
N ASN B 29 0.31 27.42 -16.03
CA ASN B 29 1.13 28.31 -16.86
C ASN B 29 1.44 27.64 -18.18
N TYR B 30 1.50 28.45 -19.23
CA TYR B 30 1.72 27.90 -20.57
C TYR B 30 2.20 29.03 -21.49
N ALA B 31 2.71 28.61 -22.64
CA ALA B 31 3.13 29.52 -23.69
C ALA B 31 2.42 29.17 -24.99
N GLU B 32 2.27 30.16 -25.85
CA GLU B 32 1.46 30.03 -27.07
C GLU B 32 2.25 30.55 -28.26
N ALA B 33 2.13 29.86 -29.39
CA ALA B 33 2.85 30.23 -30.60
C ALA B 33 2.04 29.84 -31.82
N GLY B 34 2.26 30.56 -32.91
CA GLY B 34 1.64 30.26 -34.18
C GLY B 34 0.33 31.02 -34.38
N ASP B 35 -0.07 31.07 -35.64
CA ASP B 35 -1.34 31.69 -36.00
C ASP B 35 -2.48 31.04 -35.20
N PRO B 36 -3.30 31.83 -34.50
CA PRO B 36 -4.37 31.22 -33.68
C PRO B 36 -5.42 30.48 -34.49
N ASP B 37 -5.41 30.61 -35.82
CA ASP B 37 -6.38 29.92 -36.65
C ASP B 37 -5.87 28.58 -37.17
N ARG B 38 -4.55 28.36 -37.14
CA ARG B 38 -3.99 27.10 -37.59
C ARG B 38 -4.45 25.97 -36.67
N PRO B 39 -4.30 24.71 -37.10
CA PRO B 39 -4.68 23.58 -36.24
C PRO B 39 -3.94 23.64 -34.91
N ALA B 40 -4.69 23.42 -33.83
CA ALA B 40 -4.13 23.56 -32.48
C ALA B 40 -3.30 22.33 -32.12
N VAL B 41 -2.18 22.59 -31.44
CA VAL B 41 -1.29 21.53 -30.95
C VAL B 41 -1.03 21.78 -29.48
N LEU B 42 -1.03 20.71 -28.69
CA LEU B 42 -0.76 20.78 -27.26
C LEU B 42 0.45 19.91 -26.94
N LEU B 43 1.47 20.52 -26.38
CA LEU B 43 2.72 19.84 -26.04
C LEU B 43 2.79 19.63 -24.54
N ILE B 44 3.05 18.40 -24.12
CA ILE B 44 3.14 18.03 -22.71
C ILE B 44 4.60 17.66 -22.42
N PRO B 45 5.31 18.40 -21.57
CA PRO B 45 6.71 18.07 -21.29
C PRO B 45 6.84 16.77 -20.51
N GLU B 46 8.09 16.33 -20.39
CA GLU B 46 8.44 15.16 -19.60
C GLU B 46 8.48 15.54 -18.11
N GLN B 47 8.66 14.52 -17.27
CA GLN B 47 8.84 14.78 -15.85
C GLN B 47 10.10 15.60 -15.64
N THR B 48 10.03 16.59 -14.74
CA THR B 48 11.05 17.59 -14.48
C THR B 48 11.11 18.64 -15.57
N GLY B 49 10.42 18.46 -16.69
CA GLY B 49 10.46 19.41 -17.79
C GLY B 49 9.32 20.40 -17.74
N SER B 50 9.64 21.66 -18.01
CA SER B 50 8.65 22.72 -18.11
C SER B 50 8.24 22.92 -19.57
N TRP B 51 7.29 23.82 -19.79
CA TRP B 51 6.80 24.05 -21.15
C TRP B 51 7.93 24.40 -22.10
N TRP B 52 8.93 25.15 -21.62
CA TRP B 52 10.03 25.56 -22.47
C TRP B 52 10.96 24.41 -22.83
N SER B 53 10.67 23.20 -22.37
CA SER B 53 11.37 22.02 -22.88
C SER B 53 11.17 21.89 -24.39
N TYR B 54 10.06 22.42 -24.92
CA TYR B 54 9.73 22.35 -26.33
C TYR B 54 10.13 23.60 -27.10
N GLU B 55 10.80 24.55 -26.43
CA GLU B 55 11.02 25.88 -26.99
C GLU B 55 11.39 25.86 -28.48
N GLU B 56 12.46 25.15 -28.83
CA GLU B 56 12.88 25.13 -30.23
C GLU B 56 11.86 24.44 -31.12
N ALA B 57 11.18 23.42 -30.60
CA ALA B 57 10.18 22.71 -31.41
C ALA B 57 8.97 23.60 -31.68
N MET B 58 8.59 24.44 -30.72
CA MET B 58 7.44 25.32 -30.93
C MET B 58 7.67 26.26 -32.11
N GLY B 59 8.85 26.87 -32.17
CA GLY B 59 9.14 27.78 -33.27
C GLY B 59 8.96 27.13 -34.63
N LEU B 60 9.44 25.89 -34.77
CA LEU B 60 9.28 25.18 -36.03
C LEU B 60 7.83 24.78 -36.25
N LEU B 61 7.16 24.28 -35.21
CA LEU B 61 5.76 23.89 -35.34
C LEU B 61 4.86 25.11 -35.59
N SER B 62 5.24 26.27 -35.04
CA SER B 62 4.43 27.47 -35.22
C SER B 62 4.35 27.90 -36.68
N GLU B 63 5.19 27.34 -37.56
CA GLU B 63 5.08 27.64 -38.97
C GLU B 63 3.76 27.16 -39.55
N HIS B 64 3.23 26.06 -39.02
CA HIS B 64 2.00 25.46 -39.55
C HIS B 64 0.93 25.23 -38.50
N PHE B 65 1.24 25.30 -37.21
CA PHE B 65 0.32 24.91 -36.15
C PHE B 65 0.18 26.03 -35.14
N HIS B 66 -0.94 26.01 -34.42
CA HIS B 66 -1.15 26.86 -33.25
C HIS B 66 -0.75 26.03 -32.03
N VAL B 67 0.43 26.32 -31.49
CA VAL B 67 1.09 25.44 -30.52
C VAL B 67 0.86 25.98 -29.12
N TYR B 68 0.39 25.11 -28.23
CA TYR B 68 0.35 25.36 -26.80
C TYR B 68 1.35 24.44 -26.10
N ALA B 69 2.21 25.03 -25.27
CA ALA B 69 3.12 24.27 -24.41
C ALA B 69 2.80 24.64 -22.97
N VAL B 70 2.56 23.62 -22.14
CA VAL B 70 2.00 23.83 -20.81
C VAL B 70 2.95 23.32 -19.74
N ASP B 71 2.91 23.97 -18.58
CA ASP B 71 3.50 23.45 -17.36
C ASP B 71 2.44 22.62 -16.64
N LEU B 72 2.73 21.35 -16.39
CA LEU B 72 1.85 20.53 -15.57
C LEU B 72 1.92 20.99 -14.12
N ARG B 73 0.87 20.67 -13.36
CA ARG B 73 0.90 20.95 -11.93
C ARG B 73 2.14 20.31 -11.31
N GLY B 74 2.68 20.98 -10.29
CA GLY B 74 3.92 20.51 -9.70
C GLY B 74 5.13 20.72 -10.57
N GLN B 75 5.05 21.62 -11.55
CA GLN B 75 6.15 21.85 -12.48
C GLN B 75 6.03 23.26 -13.04
N GLY B 76 7.18 23.88 -13.27
CA GLY B 76 7.18 25.21 -13.87
C GLY B 76 6.50 26.22 -12.98
N ARG B 77 5.70 27.09 -13.59
CA ARG B 77 4.96 28.12 -12.88
C ARG B 77 3.54 27.71 -12.57
N SER B 78 3.14 26.48 -12.88
CA SER B 78 1.82 25.99 -12.50
C SER B 78 1.82 25.64 -11.01
N SER B 79 0.61 25.53 -10.46
CA SER B 79 0.47 25.33 -9.02
C SER B 79 1.11 24.02 -8.58
N TRP B 80 1.79 24.07 -7.44
CA TRP B 80 2.23 22.87 -6.73
C TRP B 80 1.09 22.42 -5.84
N THR B 81 0.73 21.14 -5.93
CA THR B 81 -0.43 20.59 -5.23
C THR B 81 0.01 19.39 -4.40
N PRO B 82 0.45 19.61 -3.16
CA PRO B 82 0.88 18.48 -2.32
C PRO B 82 -0.22 17.44 -2.19
N LYS B 83 0.17 16.18 -2.28
CA LYS B 83 -0.69 15.02 -2.09
C LYS B 83 -1.69 14.82 -3.22
N ARG B 84 -1.58 15.59 -4.30
CA ARG B 84 -2.59 15.59 -5.36
C ARG B 84 -2.04 15.14 -6.72
N TYR B 85 -0.85 14.56 -6.76
CA TYR B 85 -0.20 14.22 -8.02
C TYR B 85 -0.63 12.82 -8.45
N SER B 86 -1.44 12.75 -9.50
CA SER B 86 -1.87 11.48 -10.07
C SER B 86 -2.09 11.67 -11.56
N LEU B 87 -2.02 10.56 -12.30
CA LEU B 87 -2.22 10.64 -13.74
C LEU B 87 -3.59 11.22 -14.07
N ASP B 88 -4.61 10.89 -13.26
CA ASP B 88 -5.95 11.39 -13.53
C ASP B 88 -6.04 12.88 -13.28
N ASN B 89 -5.34 13.38 -12.25
CA ASN B 89 -5.35 14.81 -11.99
C ASN B 89 -4.52 15.57 -13.04
N PHE B 90 -3.37 15.01 -13.41
CA PHE B 90 -2.61 15.58 -14.53
C PHE B 90 -3.47 15.65 -15.78
N GLY B 91 -4.09 14.53 -16.16
CA GLY B 91 -4.86 14.49 -17.39
C GLY B 91 -6.07 15.40 -17.37
N ASN B 92 -6.79 15.39 -16.24
CA ASN B 92 -7.99 16.22 -16.15
C ASN B 92 -7.63 17.71 -16.14
N ASP B 93 -6.45 18.06 -15.65
CA ASP B 93 -5.96 19.43 -15.82
C ASP B 93 -5.88 19.78 -17.30
N LEU B 94 -5.39 18.84 -18.12
CA LEU B 94 -5.27 19.10 -19.55
C LEU B 94 -6.63 19.11 -20.23
N VAL B 95 -7.55 18.25 -19.77
CA VAL B 95 -8.92 18.30 -20.28
C VAL B 95 -9.49 19.70 -20.10
N ARG B 96 -9.32 20.27 -18.91
CA ARG B 96 -9.84 21.60 -18.64
C ARG B 96 -9.10 22.66 -19.45
N PHE B 97 -7.79 22.50 -19.60
CA PHE B 97 -7.02 23.44 -20.42
C PHE B 97 -7.56 23.48 -21.84
N ILE B 98 -7.77 22.30 -22.44
CA ILE B 98 -8.31 22.24 -23.79
C ILE B 98 -9.68 22.92 -23.84
N ALA B 99 -10.53 22.67 -22.83
CA ALA B 99 -11.89 23.18 -22.85
C ALA B 99 -11.95 24.67 -22.55
N LEU B 100 -11.01 25.19 -21.76
CA LEU B 100 -11.04 26.58 -21.33
C LEU B 100 -10.21 27.51 -22.21
N VAL B 101 -9.05 27.04 -22.69
CA VAL B 101 -8.12 27.89 -23.43
C VAL B 101 -8.17 27.62 -24.92
N VAL B 102 -7.99 26.35 -25.32
CA VAL B 102 -7.87 26.05 -26.74
C VAL B 102 -9.23 26.12 -27.42
N LYS B 103 -10.23 25.44 -26.84
CA LYS B 103 -11.61 25.49 -27.31
C LYS B 103 -11.76 24.90 -28.72
N ARG B 104 -10.82 24.09 -29.16
CA ARG B 104 -10.91 23.39 -30.43
C ARG B 104 -10.27 22.01 -30.26
N PRO B 105 -10.56 21.08 -31.16
CA PRO B 105 -9.84 19.81 -31.16
C PRO B 105 -8.35 20.04 -31.31
N VAL B 106 -7.56 19.23 -30.61
CA VAL B 106 -6.11 19.43 -30.54
C VAL B 106 -5.39 18.15 -30.92
N VAL B 107 -4.21 18.30 -31.49
CA VAL B 107 -3.24 17.22 -31.61
C VAL B 107 -2.29 17.34 -30.43
N VAL B 108 -2.17 16.27 -29.65
CA VAL B 108 -1.37 16.28 -28.43
C VAL B 108 -0.06 15.55 -28.69
N ALA B 109 1.04 16.14 -28.22
CA ALA B 109 2.35 15.51 -28.25
C ALA B 109 2.92 15.55 -26.85
N GLY B 110 3.21 14.38 -26.29
CA GLY B 110 3.74 14.28 -24.94
C GLY B 110 5.00 13.45 -24.92
N ASN B 111 5.97 13.89 -24.12
CA ASN B 111 7.28 13.26 -24.04
C ASN B 111 7.42 12.55 -22.69
N SER B 112 7.79 11.27 -22.74
CA SER B 112 8.03 10.46 -21.54
C SER B 112 6.74 10.48 -20.71
N SER B 113 6.77 10.93 -19.45
CA SER B 113 5.55 10.96 -18.66
C SER B 113 4.46 11.75 -19.38
N GLY B 114 4.83 12.82 -20.08
CA GLY B 114 3.87 13.54 -20.89
C GLY B 114 3.28 12.67 -21.99
N GLY B 115 4.08 11.75 -22.53
CA GLY B 115 3.55 10.82 -23.52
C GLY B 115 2.52 9.87 -22.93
N VAL B 116 2.73 9.46 -21.68
CA VAL B 116 1.71 8.68 -20.98
C VAL B 116 0.42 9.48 -20.85
N LEU B 117 0.56 10.78 -20.57
CA LEU B 117 -0.62 11.63 -20.43
C LEU B 117 -1.27 11.90 -21.79
N ALA B 118 -0.48 11.93 -22.87
CA ALA B 118 -1.07 12.06 -24.19
C ALA B 118 -1.98 10.87 -24.50
N ALA B 119 -1.51 9.67 -24.21
CA ALA B 119 -2.38 8.49 -24.35
C ALA B 119 -3.55 8.57 -23.39
N TRP B 120 -3.32 9.08 -22.19
CA TRP B 120 -4.41 9.29 -21.24
C TRP B 120 -5.51 10.13 -21.87
N LEU B 121 -5.14 11.24 -22.51
CA LEU B 121 -6.14 12.10 -23.12
C LEU B 121 -6.82 11.41 -24.29
N SER B 122 -6.06 10.66 -25.10
CA SER B 122 -6.65 9.95 -26.22
C SER B 122 -7.78 9.03 -25.77
N ALA B 123 -7.64 8.44 -24.58
CA ALA B 123 -8.64 7.50 -24.08
C ALA B 123 -9.66 8.17 -23.17
N TYR B 124 -9.23 9.14 -22.36
CA TYR B 124 -10.02 9.64 -21.25
C TYR B 124 -10.36 11.12 -21.34
N SER B 125 -10.07 11.78 -22.46
CA SER B 125 -10.46 13.17 -22.62
C SER B 125 -11.98 13.26 -22.80
N MET B 126 -12.47 14.49 -22.89
CA MET B 126 -13.87 14.66 -23.25
C MET B 126 -14.03 14.40 -24.75
N PRO B 127 -15.21 13.95 -25.18
CA PRO B 127 -15.36 13.51 -26.57
C PRO B 127 -14.97 14.60 -27.56
N GLY B 128 -14.19 14.20 -28.57
CA GLY B 128 -13.84 15.09 -29.66
C GLY B 128 -12.78 16.13 -29.35
N GLN B 129 -12.27 16.15 -28.12
CA GLN B 129 -11.24 17.13 -27.78
C GLN B 129 -9.94 16.90 -28.54
N LEU B 130 -9.69 15.67 -29.00
CA LEU B 130 -8.42 15.29 -29.59
C LEU B 130 -8.63 14.75 -31.00
N ARG B 131 -7.74 15.16 -31.91
CA ARG B 131 -7.69 14.59 -33.25
C ARG B 131 -6.67 13.46 -33.37
N GLY B 132 -5.74 13.36 -32.42
CA GLY B 132 -4.68 12.38 -32.46
C GLY B 132 -3.61 12.74 -31.46
N VAL B 133 -2.76 11.78 -31.09
CA VAL B 133 -1.74 12.00 -30.08
C VAL B 133 -0.42 11.42 -30.54
N LEU B 134 0.66 12.15 -30.30
CA LEU B 134 2.02 11.65 -30.46
C LEU B 134 2.59 11.36 -29.08
N CYS B 135 2.96 10.12 -28.84
CA CYS B 135 3.59 9.71 -27.59
C CYS B 135 5.09 9.58 -27.84
N GLU B 136 5.84 10.60 -27.43
CA GLU B 136 7.28 10.65 -27.70
C GLU B 136 8.00 9.85 -26.61
N ASP B 137 8.42 8.65 -26.95
CA ASP B 137 9.19 7.79 -26.06
C ASP B 137 8.50 7.66 -24.69
N PRO B 138 7.29 7.10 -24.66
CA PRO B 138 6.52 7.06 -23.42
C PRO B 138 6.85 5.83 -22.60
N PRO B 139 7.02 5.97 -21.28
CA PRO B 139 7.25 4.78 -20.44
C PRO B 139 5.98 4.02 -20.11
N PHE B 140 5.33 3.50 -21.15
CA PHE B 140 4.20 2.60 -20.94
C PHE B 140 4.65 1.41 -20.10
N PHE B 141 3.90 1.12 -19.04
CA PHE B 141 4.20 0.01 -18.14
C PHE B 141 5.45 0.28 -17.32
N ALA B 142 6.56 0.65 -17.98
CA ALA B 142 7.82 0.87 -17.27
C ALA B 142 7.70 1.95 -16.21
N SER B 143 6.74 2.85 -16.32
CA SER B 143 6.54 3.90 -15.32
C SER B 143 5.59 3.48 -14.21
N GLU B 144 5.05 2.27 -14.27
CA GLU B 144 4.13 1.77 -13.27
C GLU B 144 4.87 0.94 -12.22
N LEU B 145 4.35 0.95 -10.99
CA LEU B 145 4.93 0.13 -9.94
C LEU B 145 4.64 -1.34 -10.17
N VAL B 146 3.42 -1.66 -10.60
CA VAL B 146 3.01 -3.04 -10.85
C VAL B 146 2.44 -3.13 -12.26
N PRO B 147 3.28 -3.00 -13.29
CA PRO B 147 2.75 -3.06 -14.65
C PRO B 147 2.28 -4.46 -15.02
N ALA B 148 1.36 -4.51 -15.98
CA ALA B 148 0.91 -5.79 -16.50
C ALA B 148 1.96 -6.46 -17.40
N HIS B 149 2.97 -5.71 -17.85
CA HIS B 149 3.96 -6.25 -18.77
C HIS B 149 5.31 -5.60 -18.53
N GLY B 150 6.35 -6.42 -18.40
CA GLY B 150 7.71 -5.94 -18.46
C GLY B 150 8.19 -5.29 -17.18
N HIS B 151 9.27 -4.50 -17.34
CA HIS B 151 9.91 -3.86 -16.20
C HIS B 151 8.96 -2.92 -15.48
N SER B 152 9.18 -2.77 -14.18
CA SER B 152 8.48 -1.80 -13.36
C SER B 152 9.33 -0.53 -13.21
N VAL B 153 8.73 0.48 -12.59
CA VAL B 153 9.45 1.73 -12.37
C VAL B 153 10.68 1.49 -11.50
N ARG B 154 10.59 0.56 -10.54
CA ARG B 154 11.73 0.25 -9.70
C ARG B 154 12.89 -0.33 -10.51
N GLN B 155 12.61 -0.92 -11.67
CA GLN B 155 13.63 -1.47 -12.55
C GLN B 155 13.91 -0.56 -13.74
N GLY B 156 13.50 0.71 -13.67
CA GLY B 156 13.74 1.66 -14.73
C GLY B 156 14.20 3.00 -14.21
N ALA B 157 13.30 3.99 -14.21
CA ALA B 157 13.63 5.31 -13.71
C ALA B 157 13.47 5.43 -12.20
N GLY B 158 12.93 4.41 -11.54
CA GLY B 158 12.71 4.44 -10.11
C GLY B 158 13.91 4.92 -9.32
N PRO B 159 15.09 4.35 -9.60
CA PRO B 159 16.29 4.77 -8.84
C PRO B 159 16.50 6.27 -8.84
N VAL B 160 16.18 6.95 -9.94
CA VAL B 160 16.28 8.41 -9.96
C VAL B 160 15.20 9.01 -9.08
N PHE B 161 13.96 8.53 -9.24
CA PHE B 161 12.85 9.05 -8.45
C PHE B 161 13.13 8.92 -6.95
N GLU B 162 13.74 7.80 -6.55
CA GLU B 162 14.10 7.62 -5.15
C GLU B 162 15.02 8.73 -4.67
N LEU B 163 16.08 9.02 -5.44
CA LEU B 163 17.01 10.06 -5.03
C LEU B 163 16.32 11.41 -4.94
N PHE B 164 15.42 11.71 -5.89
CA PHE B 164 14.61 12.92 -5.79
C PHE B 164 13.81 12.92 -4.49
N ARG B 165 13.16 11.81 -4.18
CA ARG B 165 12.31 11.74 -3.00
C ARG B 165 13.13 11.96 -1.73
N THR B 166 14.29 11.31 -1.63
CA THR B 166 15.04 11.31 -0.37
C THR B 166 15.79 12.62 -0.17
N TYR B 167 16.49 13.09 -1.19
CA TYR B 167 17.41 14.22 -1.02
C TYR B 167 16.80 15.57 -1.38
N LEU B 168 15.74 15.60 -2.19
CA LEU B 168 15.05 16.84 -2.51
C LEU B 168 13.75 16.99 -1.72
N GLY B 169 12.93 15.95 -1.69
CA GLY B 169 11.74 15.93 -0.86
C GLY B 169 10.59 16.70 -1.48
N ASP B 170 9.40 16.44 -0.94
CA ASP B 170 8.19 17.11 -1.43
C ASP B 170 8.35 18.61 -1.35
N GLN B 171 8.00 19.29 -2.44
CA GLN B 171 8.07 20.75 -2.51
C GLN B 171 9.44 21.27 -2.08
N TRP B 172 10.49 20.53 -2.45
CA TRP B 172 11.87 20.91 -2.13
C TRP B 172 12.05 21.16 -0.65
N SER B 173 11.31 20.43 0.19
CA SER B 173 11.39 20.66 1.63
C SER B 173 12.76 20.30 2.19
N VAL B 174 13.47 19.36 1.57
CA VAL B 174 14.80 18.98 2.00
C VAL B 174 15.83 19.82 1.26
N GLY B 175 15.80 19.75 -0.06
CA GLY B 175 16.63 20.61 -0.88
C GLY B 175 18.12 20.37 -0.76
N ASP B 176 18.52 19.15 -0.45
CA ASP B 176 19.94 18.79 -0.37
C ASP B 176 20.43 18.43 -1.77
N TRP B 177 20.77 19.48 -2.54
CA TRP B 177 21.22 19.26 -3.91
C TRP B 177 22.53 18.48 -3.92
N GLU B 178 23.49 18.88 -3.10
N GLU B 178 23.49 18.88 -3.10
CA GLU B 178 24.77 18.17 -3.06
CA GLU B 178 24.77 18.18 -3.04
C GLU B 178 24.57 16.70 -2.74
C GLU B 178 24.55 16.70 -2.75
N GLY B 179 23.71 16.38 -1.78
CA GLY B 179 23.46 14.99 -1.44
C GLY B 179 22.90 14.20 -2.60
N PHE B 180 21.99 14.80 -3.36
CA PHE B 180 21.43 14.13 -4.53
C PHE B 180 22.51 13.85 -5.57
N CYS B 181 23.34 14.85 -5.86
CA CYS B 181 24.38 14.69 -6.86
C CYS B 181 25.33 13.55 -6.50
N ARG B 182 25.72 13.48 -5.21
CA ARG B 182 26.60 12.40 -4.78
C ARG B 182 25.95 11.04 -5.01
N ALA B 183 24.72 10.85 -4.51
CA ALA B 183 24.03 9.58 -4.68
C ALA B 183 23.80 9.28 -6.16
N ALA B 184 23.49 10.31 -6.95
CA ALA B 184 23.22 10.10 -8.36
C ALA B 184 24.49 9.71 -9.11
N GLY B 185 25.63 10.29 -8.73
CA GLY B 185 26.88 9.93 -9.37
C GLY B 185 27.32 8.51 -9.05
N ALA B 186 27.01 8.03 -7.85
CA ALA B 186 27.33 6.67 -7.44
C ALA B 186 26.26 5.67 -7.83
N SER B 187 25.18 6.12 -8.47
CA SER B 187 24.07 5.25 -8.83
C SER B 187 24.48 4.26 -9.90
N ALA B 188 23.68 3.19 -10.01
CA ALA B 188 23.79 2.27 -11.13
C ALA B 188 22.96 2.72 -12.33
N SER B 189 22.03 3.66 -12.13
CA SER B 189 21.20 4.17 -13.21
C SER B 189 21.95 5.26 -13.97
N PRO B 190 22.22 5.10 -15.26
CA PRO B 190 22.85 6.19 -16.01
C PRO B 190 21.96 7.43 -16.10
N MET B 191 20.64 7.26 -16.02
CA MET B 191 19.76 8.43 -15.99
C MET B 191 19.93 9.21 -14.68
N ALA B 192 20.13 8.49 -13.57
CA ALA B 192 20.48 9.18 -12.32
C ALA B 192 21.82 9.90 -12.47
N ARG B 193 22.84 9.20 -12.95
CA ARG B 193 24.13 9.83 -13.19
C ARG B 193 23.98 11.06 -14.07
N SER B 194 23.01 11.03 -14.99
CA SER B 194 22.69 12.19 -15.81
C SER B 194 22.11 13.31 -14.94
N ILE B 200 21.76 23.60 -9.52
CA ILE B 200 20.46 23.01 -9.78
C ILE B 200 19.99 23.41 -11.17
N PRO B 201 19.80 22.43 -12.06
CA PRO B 201 19.26 22.76 -13.39
C PRO B 201 17.96 23.55 -13.27
N GLN B 202 17.79 24.51 -14.18
CA GLN B 202 16.63 25.40 -14.12
C GLN B 202 15.33 24.60 -14.05
N HIS B 203 15.17 23.63 -14.97
CA HIS B 203 13.94 22.87 -15.01
C HIS B 203 13.71 22.11 -13.71
N LEU B 204 14.79 21.73 -13.00
CA LEU B 204 14.63 21.03 -11.73
C LEU B 204 14.24 21.99 -10.61
N GLN B 205 14.69 23.24 -10.66
CA GLN B 205 14.29 24.22 -9.66
C GLN B 205 12.79 24.45 -9.68
N GLU B 206 12.17 24.36 -10.86
CA GLU B 206 10.74 24.55 -11.02
C GLU B 206 9.95 23.25 -10.83
N TYR B 207 10.62 22.17 -10.44
CA TYR B 207 10.04 20.83 -10.39
C TYR B 207 9.72 20.46 -8.95
N ASP B 208 8.49 20.01 -8.71
CA ASP B 208 8.09 19.55 -7.39
C ASP B 208 8.49 18.08 -7.23
N PRO B 209 9.49 17.78 -6.39
CA PRO B 209 9.98 16.39 -6.31
C PRO B 209 8.95 15.39 -5.81
N GLU B 210 7.79 15.84 -5.30
CA GLU B 210 6.74 14.89 -4.97
C GLU B 210 6.28 14.12 -6.21
N TRP B 211 6.43 14.71 -7.40
CA TRP B 211 6.34 13.96 -8.65
C TRP B 211 7.07 12.63 -8.52
N ALA B 212 8.35 12.69 -8.16
CA ALA B 212 9.17 11.49 -8.05
C ALA B 212 8.60 10.53 -7.02
N ARG B 213 8.10 11.06 -5.90
CA ARG B 213 7.53 10.20 -4.86
C ARG B 213 6.38 9.36 -5.42
N VAL B 214 5.38 10.02 -6.01
CA VAL B 214 4.18 9.29 -6.44
C VAL B 214 4.53 8.26 -7.50
N PHE B 215 5.57 8.51 -8.30
CA PHE B 215 6.01 7.53 -9.29
C PHE B 215 6.77 6.39 -8.62
N TYR B 216 7.69 6.72 -7.72
CA TYR B 216 8.43 5.68 -7.00
C TYR B 216 7.49 4.85 -6.14
N GLU B 217 6.59 5.50 -5.41
CA GLU B 217 5.71 4.80 -4.48
C GLU B 217 4.51 4.13 -5.17
N GLY B 218 4.28 4.42 -6.45
CA GLY B 218 3.23 3.74 -7.18
C GLY B 218 1.84 4.30 -6.98
N THR B 219 1.71 5.52 -6.47
CA THR B 219 0.40 6.12 -6.24
C THR B 219 -0.06 7.00 -7.40
N VAL B 220 0.86 7.42 -8.28
CA VAL B 220 0.49 8.34 -9.35
C VAL B 220 -0.49 7.68 -10.32
N GLY B 221 -0.35 6.38 -10.54
CA GLY B 221 -1.20 5.69 -11.49
C GLY B 221 -1.94 4.50 -10.91
N LEU B 222 -2.11 4.49 -9.58
CA LEU B 222 -2.77 3.37 -8.94
C LEU B 222 -4.17 3.15 -9.49
N SER B 223 -4.93 4.25 -9.67
CA SER B 223 -6.28 4.17 -10.22
C SER B 223 -6.31 4.34 -11.73
N CYS B 224 -5.17 4.13 -12.41
CA CYS B 224 -5.08 4.31 -13.85
C CYS B 224 -4.06 3.32 -14.41
N PRO B 225 -4.36 2.03 -14.35
CA PRO B 225 -3.45 1.04 -14.96
C PRO B 225 -3.33 1.28 -16.46
N HIS B 226 -2.10 1.18 -16.96
CA HIS B 226 -1.85 1.50 -18.36
C HIS B 226 -2.56 0.52 -19.31
N GLU B 227 -2.76 -0.73 -18.88
CA GLU B 227 -3.41 -1.69 -19.76
C GLU B 227 -4.83 -1.27 -20.09
N ARG B 228 -5.56 -0.75 -19.10
CA ARG B 228 -6.92 -0.29 -19.36
C ARG B 228 -6.90 0.99 -20.19
N MET B 229 -5.94 1.88 -19.93
CA MET B 229 -5.87 3.13 -20.67
C MET B 229 -5.52 2.89 -22.14
N LEU B 230 -4.48 2.09 -22.39
CA LEU B 230 -4.07 1.84 -23.77
C LEU B 230 -5.14 1.11 -24.55
N GLY B 231 -5.87 0.21 -23.89
CA GLY B 231 -6.96 -0.50 -24.54
C GLY B 231 -8.21 0.33 -24.77
N GLN B 232 -8.19 1.61 -24.39
CA GLN B 232 -9.36 2.47 -24.56
C GLN B 232 -9.01 3.77 -25.29
N VAL B 233 -7.86 3.84 -25.95
CA VAL B 233 -7.55 5.02 -26.74
C VAL B 233 -8.61 5.19 -27.82
N LYS B 234 -8.90 6.44 -28.17
CA LYS B 234 -9.98 6.75 -29.10
C LYS B 234 -9.53 7.63 -30.26
N THR B 235 -8.24 7.89 -30.40
CA THR B 235 -7.70 8.70 -31.49
C THR B 235 -6.54 7.97 -32.12
N PRO B 236 -6.11 8.40 -33.31
CA PRO B 236 -4.86 7.87 -33.87
C PRO B 236 -3.70 8.14 -32.92
N VAL B 237 -2.77 7.19 -32.86
CA VAL B 237 -1.65 7.25 -31.93
C VAL B 237 -0.36 7.07 -32.72
N LEU B 238 0.52 8.08 -32.65
CA LEU B 238 1.88 7.97 -33.15
C LEU B 238 2.79 7.71 -31.96
N LEU B 239 3.38 6.52 -31.92
CA LEU B 239 4.22 6.07 -30.81
C LEU B 239 5.66 6.00 -31.31
N THR B 240 6.48 6.97 -30.89
CA THR B 240 7.90 6.94 -31.20
C THR B 240 8.65 6.26 -30.05
N HIS B 241 9.47 5.27 -30.40
CA HIS B 241 10.24 4.50 -29.43
C HIS B 241 11.71 4.82 -29.66
N HIS B 242 12.34 5.46 -28.67
CA HIS B 242 13.71 5.92 -28.81
C HIS B 242 14.68 4.87 -28.26
N MET B 243 15.86 5.32 -27.82
CA MET B 243 16.85 4.42 -27.24
C MET B 243 16.22 3.54 -26.17
N ARG B 244 16.58 2.26 -26.20
CA ARG B 244 16.22 1.35 -25.11
C ARG B 244 17.22 0.22 -25.04
N GLY B 245 17.38 -0.34 -23.85
CA GLY B 245 18.30 -1.44 -23.66
C GLY B 245 18.19 -1.99 -22.25
N ILE B 246 19.11 -2.89 -21.92
CA ILE B 246 19.17 -3.53 -20.61
C ILE B 246 20.54 -3.25 -20.01
N ASP B 247 20.55 -2.81 -18.77
CA ASP B 247 21.82 -2.57 -18.07
C ASP B 247 22.41 -3.91 -17.66
N PRO B 248 23.66 -4.24 -18.04
CA PRO B 248 24.20 -5.55 -17.69
C PRO B 248 24.35 -5.77 -16.20
N GLU B 249 24.81 -4.76 -15.46
CA GLU B 249 25.12 -4.96 -14.05
C GLU B 249 23.86 -5.16 -13.21
N THR B 250 22.79 -4.46 -13.55
CA THR B 250 21.56 -4.50 -12.76
C THR B 250 20.40 -5.21 -13.45
N GLY B 251 20.45 -5.38 -14.76
CA GLY B 251 19.31 -5.87 -15.49
C GLY B 251 18.19 -4.87 -15.67
N ASN B 252 18.36 -3.64 -15.17
CA ASN B 252 17.32 -2.64 -15.25
C ASN B 252 17.13 -2.15 -16.68
N LEU B 253 15.93 -1.65 -16.95
CA LEU B 253 15.62 -1.09 -18.26
C LEU B 253 16.36 0.23 -18.45
N LEU B 254 16.92 0.40 -19.64
CA LEU B 254 17.50 1.65 -20.09
C LEU B 254 16.58 2.25 -21.14
N GLY B 255 16.25 3.53 -21.00
CA GLY B 255 15.30 4.18 -21.88
C GLY B 255 13.91 4.22 -21.28
N ALA B 256 12.96 4.61 -22.12
CA ALA B 256 11.58 4.81 -21.67
C ALA B 256 10.87 3.48 -21.45
N LEU B 257 10.80 2.65 -22.49
CA LEU B 257 10.11 1.37 -22.39
C LEU B 257 10.85 0.34 -23.24
N SER B 258 10.62 -0.93 -22.90
CA SER B 258 11.28 -2.02 -23.59
C SER B 258 10.52 -2.39 -24.87
N ASP B 259 11.17 -3.21 -25.69
CA ASP B 259 10.53 -3.67 -26.92
C ASP B 259 9.29 -4.49 -26.61
N GLU B 260 9.35 -5.31 -25.55
CA GLU B 260 8.17 -6.06 -25.13
C GLU B 260 7.04 -5.14 -24.71
N GLN B 261 7.36 -4.09 -23.94
CA GLN B 261 6.33 -3.18 -23.49
C GLN B 261 5.72 -2.40 -24.65
N ALA B 262 6.55 -2.03 -25.64
CA ALA B 262 6.01 -1.40 -26.84
C ALA B 262 5.10 -2.36 -27.59
N LEU B 263 5.49 -3.64 -27.67
CA LEU B 263 4.68 -4.63 -28.35
C LEU B 263 3.30 -4.75 -27.70
N ARG B 264 3.27 -4.95 -26.38
CA ARG B 264 1.99 -5.11 -25.69
C ARG B 264 1.15 -3.83 -25.78
N ALA B 265 1.80 -2.67 -25.64
CA ALA B 265 1.07 -1.41 -25.80
C ALA B 265 0.43 -1.31 -27.17
N ARG B 266 1.17 -1.67 -28.22
CA ARG B 266 0.63 -1.57 -29.57
C ARG B 266 -0.57 -2.50 -29.76
N ARG B 267 -0.46 -3.74 -29.28
CA ARG B 267 -1.58 -4.67 -29.41
C ARG B 267 -2.80 -4.18 -28.64
N LEU B 268 -2.59 -3.48 -27.52
CA LEU B 268 -3.70 -2.93 -26.77
C LEU B 268 -4.38 -1.80 -27.55
N MET B 269 -3.60 -0.85 -28.04
CA MET B 269 -4.18 0.25 -28.80
C MET B 269 -4.79 -0.24 -30.11
N ASP B 270 -4.20 -1.25 -30.73
CA ASP B 270 -4.80 -1.86 -31.91
C ASP B 270 -6.17 -2.44 -31.57
N SER B 271 -6.26 -3.17 -30.46
CA SER B 271 -7.53 -3.71 -30.01
C SER B 271 -8.54 -2.61 -29.71
N ALA B 272 -8.07 -1.40 -29.41
CA ALA B 272 -8.99 -0.28 -29.15
C ALA B 272 -9.64 0.24 -30.44
N GLY B 273 -9.19 -0.21 -31.60
CA GLY B 273 -9.80 0.21 -32.85
C GLY B 273 -9.31 1.54 -33.38
N VAL B 274 -8.05 1.88 -33.15
CA VAL B 274 -7.48 3.13 -33.64
C VAL B 274 -6.26 2.81 -34.50
N THR B 275 -5.85 3.81 -35.28
CA THR B 275 -4.66 3.68 -36.12
C THR B 275 -3.42 3.94 -35.28
N VAL B 276 -2.55 2.94 -35.19
CA VAL B 276 -1.33 3.02 -34.40
C VAL B 276 -0.15 3.07 -35.35
N ASP B 277 0.57 4.19 -35.32
CA ASP B 277 1.81 4.35 -36.10
C ASP B 277 2.98 4.19 -35.14
N TYR B 278 3.76 3.14 -35.34
CA TYR B 278 4.90 2.82 -34.48
C TYR B 278 6.18 3.25 -35.20
N GLU B 279 6.84 4.28 -34.66
CA GLU B 279 8.05 4.85 -35.26
C GLU B 279 9.21 4.60 -34.31
N SER B 280 9.90 3.48 -34.50
CA SER B 280 11.06 3.17 -33.68
C SER B 280 12.27 3.96 -34.17
N VAL B 281 12.91 4.66 -33.25
CA VAL B 281 14.13 5.42 -33.53
C VAL B 281 15.16 5.07 -32.47
N PRO B 282 15.75 3.86 -32.52
CA PRO B 282 16.56 3.39 -31.39
C PRO B 282 17.83 4.20 -31.16
N ASP B 283 18.21 5.09 -32.06
CA ASP B 283 19.43 5.87 -31.92
C ASP B 283 19.17 7.30 -31.47
N ALA B 284 17.94 7.61 -31.03
CA ALA B 284 17.58 8.94 -30.59
C ALA B 284 17.54 9.01 -29.07
N SER B 285 17.84 10.19 -28.53
CA SER B 285 17.71 10.41 -27.11
C SER B 285 16.23 10.45 -26.71
N TYR B 286 15.97 10.37 -25.41
CA TYR B 286 14.59 10.35 -24.94
C TYR B 286 13.90 11.69 -25.14
N MET B 287 14.66 12.77 -25.29
CA MET B 287 14.10 14.10 -25.60
C MET B 287 14.50 14.46 -27.02
N MET B 288 13.84 13.84 -28.00
CA MET B 288 14.16 14.15 -29.39
C MET B 288 13.73 15.56 -29.76
N HIS B 289 12.60 16.03 -29.22
CA HIS B 289 12.14 17.37 -29.53
C HIS B 289 13.15 18.44 -29.12
N GLN B 290 14.09 18.09 -28.24
CA GLN B 290 15.16 18.98 -27.83
C GLN B 290 16.49 18.67 -28.50
N SER B 291 16.81 17.39 -28.68
CA SER B 291 18.10 17.01 -29.27
C SER B 291 18.07 17.06 -30.79
N ALA B 292 16.96 16.64 -31.40
CA ALA B 292 16.80 16.64 -32.85
C ALA B 292 15.44 17.22 -33.20
N PRO B 293 15.24 18.51 -32.93
CA PRO B 293 13.91 19.10 -33.18
C PRO B 293 13.44 18.98 -34.61
N ALA B 294 14.32 19.22 -35.59
CA ALA B 294 13.92 19.10 -36.98
C ALA B 294 13.40 17.71 -37.28
N ARG B 295 14.11 16.67 -36.82
CA ARG B 295 13.62 15.31 -36.99
C ARG B 295 12.31 15.10 -36.25
N TYR B 296 12.21 15.60 -35.02
CA TYR B 296 10.98 15.46 -34.26
C TYR B 296 9.81 16.16 -34.94
N VAL B 297 10.03 17.38 -35.43
CA VAL B 297 8.95 18.13 -36.05
C VAL B 297 8.52 17.48 -37.36
N GLU B 298 9.48 17.00 -38.15
CA GLU B 298 9.14 16.34 -39.40
C GLU B 298 8.31 15.09 -39.14
N ILE B 299 8.72 14.28 -38.16
CA ILE B 299 7.94 13.11 -37.78
C ILE B 299 6.53 13.52 -37.39
N PHE B 300 6.41 14.58 -36.59
CA PHE B 300 5.10 15.01 -36.11
C PHE B 300 4.27 15.59 -37.25
N THR B 301 4.86 16.47 -38.06
CA THR B 301 4.10 17.14 -39.10
C THR B 301 3.58 16.15 -40.14
N ARG B 302 4.43 15.20 -40.56
CA ARG B 302 3.98 14.23 -41.56
C ARG B 302 2.80 13.41 -41.05
N TRP B 303 2.86 12.97 -39.79
CA TRP B 303 1.77 12.18 -39.23
C TRP B 303 0.56 13.05 -38.95
N ALA B 304 0.76 14.23 -38.37
CA ALA B 304 -0.34 15.12 -38.07
C ALA B 304 -1.03 15.64 -39.32
N ALA B 305 -0.40 15.50 -40.50
CA ALA B 305 -0.99 16.01 -41.73
C ALA B 305 -2.12 15.13 -42.24
N ALA B 306 -2.12 13.85 -41.89
CA ALA B 306 -3.08 12.89 -42.42
C ALA B 306 -4.23 12.60 -41.44
N LEU B 307 -4.38 13.42 -40.40
CA LEU B 307 -5.38 13.12 -39.36
C LEU B 307 -6.79 13.47 -39.83
N ALA B 308 -7.12 14.75 -39.88
CA ALA B 308 -8.47 15.19 -40.21
C ALA B 308 -8.45 16.38 -41.16
N VAL C 10 -11.34 -32.21 7.00
CA VAL C 10 -11.08 -32.72 5.66
C VAL C 10 -9.83 -33.61 5.66
N HIS C 11 -9.10 -33.61 6.78
CA HIS C 11 -7.82 -34.31 6.83
C HIS C 11 -8.05 -35.83 6.81
N VAL C 12 -7.14 -36.54 6.15
CA VAL C 12 -7.25 -37.98 5.99
C VAL C 12 -5.97 -38.63 6.50
N PRO C 13 -6.01 -39.92 6.82
CA PRO C 13 -4.80 -40.59 7.30
C PRO C 13 -3.75 -40.69 6.20
N HIS C 14 -2.50 -40.93 6.64
CA HIS C 14 -1.37 -40.92 5.73
C HIS C 14 -0.42 -42.04 6.13
N ALA C 15 0.55 -42.30 5.26
CA ALA C 15 1.49 -43.40 5.49
C ALA C 15 2.45 -43.13 6.64
N TYR C 16 2.51 -41.91 7.14
CA TYR C 16 3.36 -41.56 8.27
C TYR C 16 2.52 -41.06 9.43
N PRO C 17 2.88 -41.39 10.67
CA PRO C 17 2.15 -40.82 11.82
C PRO C 17 2.41 -39.33 11.94
N GLU C 18 1.35 -38.58 12.19
CA GLU C 18 1.43 -37.14 12.28
C GLU C 18 1.59 -36.72 13.74
N GLN C 19 2.43 -35.72 13.96
CA GLN C 19 2.68 -35.18 15.30
C GLN C 19 2.47 -33.66 15.26
N GLN C 20 2.26 -33.10 16.45
CA GLN C 20 2.03 -31.67 16.59
C GLN C 20 2.94 -31.12 17.68
N VAL C 21 3.42 -29.89 17.47
CA VAL C 21 4.28 -29.21 18.43
C VAL C 21 3.77 -27.77 18.58
N ASP C 22 3.81 -27.27 19.82
CA ASP C 22 3.42 -25.90 20.11
C ASP C 22 4.62 -24.99 19.91
N LEU C 23 4.59 -24.20 18.84
CA LEU C 23 5.65 -23.23 18.56
C LEU C 23 5.41 -21.90 19.24
N GLY C 24 4.29 -21.73 19.93
CA GLY C 24 3.96 -20.48 20.57
C GLY C 24 2.67 -19.90 20.02
N GLU C 25 2.77 -19.13 18.94
CA GLU C 25 1.57 -18.59 18.31
C GLU C 25 0.74 -19.67 17.64
N ILE C 26 1.39 -20.70 17.10
CA ILE C 26 0.71 -21.73 16.32
C ILE C 26 1.07 -23.10 16.88
N THR C 27 0.25 -24.08 16.50
CA THR C 27 0.59 -25.49 16.61
C THR C 27 0.95 -25.99 15.21
N MET C 28 2.13 -26.61 15.08
CA MET C 28 2.63 -27.06 13.79
C MET C 28 2.50 -28.57 13.71
N ASN C 29 1.77 -29.06 12.71
CA ASN C 29 1.67 -30.48 12.42
C ASN C 29 2.83 -30.89 11.51
N TYR C 30 3.41 -32.06 11.79
CA TYR C 30 4.54 -32.53 11.01
C TYR C 30 4.55 -34.05 10.99
N ALA C 31 5.40 -34.60 10.13
CA ALA C 31 5.62 -36.03 10.03
C ALA C 31 7.11 -36.31 10.09
N GLU C 32 7.47 -37.50 10.56
CA GLU C 32 8.86 -37.85 10.82
C GLU C 32 9.18 -39.21 10.21
N ALA C 33 10.39 -39.35 9.68
CA ALA C 33 10.82 -40.59 9.05
C ALA C 33 12.34 -40.69 9.16
N GLY C 34 12.83 -41.93 9.16
CA GLY C 34 14.26 -42.18 9.20
C GLY C 34 14.73 -42.54 10.60
N ASP C 35 16.05 -42.60 10.72
CA ASP C 35 16.68 -42.92 12.00
C ASP C 35 17.24 -41.66 12.65
N PRO C 36 17.03 -41.45 13.96
CA PRO C 36 17.64 -40.30 14.62
C PRO C 36 19.14 -40.23 14.49
N ASP C 37 19.79 -41.34 14.15
CA ASP C 37 21.24 -41.33 13.93
C ASP C 37 21.63 -40.61 12.65
N ARG C 38 20.71 -40.47 11.71
CA ARG C 38 21.03 -39.95 10.38
C ARG C 38 20.99 -38.43 10.39
N PRO C 39 21.64 -37.80 9.41
CA PRO C 39 21.57 -36.33 9.30
C PRO C 39 20.12 -35.87 9.17
N ALA C 40 19.77 -34.85 9.94
CA ALA C 40 18.40 -34.35 9.96
C ALA C 40 18.10 -33.59 8.67
N VAL C 41 16.86 -33.73 8.20
CA VAL C 41 16.38 -33.03 7.02
C VAL C 41 15.02 -32.43 7.32
N LEU C 42 14.77 -31.24 6.77
CA LEU C 42 13.50 -30.53 6.96
C LEU C 42 12.95 -30.16 5.58
N LEU C 43 11.75 -30.63 5.28
CA LEU C 43 11.11 -30.41 3.99
C LEU C 43 9.96 -29.42 4.15
N ILE C 44 9.99 -28.36 3.36
CA ILE C 44 8.99 -27.30 3.40
C ILE C 44 8.12 -27.44 2.16
N PRO C 45 6.81 -27.69 2.29
CA PRO C 45 5.97 -27.86 1.10
C PRO C 45 5.81 -26.56 0.33
N GLU C 46 5.31 -26.72 -0.90
CA GLU C 46 4.93 -25.58 -1.72
C GLU C 46 3.63 -24.98 -1.20
N GLN C 47 3.25 -23.84 -1.78
CA GLN C 47 1.97 -23.24 -1.44
C GLN C 47 0.84 -24.19 -1.84
N THR C 48 -0.17 -24.28 -0.98
CA THR C 48 -1.29 -25.21 -1.07
C THR C 48 -0.87 -26.64 -0.76
N GLY C 49 0.40 -26.88 -0.42
CA GLY C 49 0.88 -28.22 -0.16
C GLY C 49 1.07 -28.46 1.33
N SER C 50 0.58 -29.60 1.80
CA SER C 50 0.79 -30.02 3.17
C SER C 50 2.10 -30.79 3.26
N TRP C 51 2.45 -31.22 4.47
CA TRP C 51 3.66 -32.03 4.63
C TRP C 51 3.62 -33.24 3.72
N TRP C 52 2.44 -33.84 3.52
CA TRP C 52 2.34 -35.05 2.73
C TRP C 52 2.50 -34.80 1.25
N SER C 53 2.79 -33.56 0.85
CA SER C 53 3.33 -33.31 -0.48
C SER C 53 4.66 -34.01 -0.69
N TYR C 54 5.35 -34.37 0.41
CA TYR C 54 6.64 -35.04 0.35
C TYR C 54 6.54 -36.52 0.67
N GLU C 55 5.32 -37.04 0.79
CA GLU C 55 5.12 -38.45 1.11
C GLU C 55 5.97 -39.35 0.24
N GLU C 56 6.06 -39.04 -1.06
CA GLU C 56 6.82 -39.87 -1.98
C GLU C 56 8.31 -39.75 -1.75
N ALA C 57 8.81 -38.53 -1.53
CA ALA C 57 10.23 -38.33 -1.33
C ALA C 57 10.67 -38.79 0.06
N MET C 58 9.80 -38.68 1.06
CA MET C 58 10.17 -39.09 2.41
C MET C 58 10.54 -40.56 2.48
N GLY C 59 9.90 -41.40 1.67
CA GLY C 59 10.22 -42.81 1.69
C GLY C 59 11.67 -43.08 1.30
N LEU C 60 12.13 -42.43 0.23
CA LEU C 60 13.50 -42.64 -0.21
C LEU C 60 14.50 -41.95 0.71
N LEU C 61 14.20 -40.71 1.13
CA LEU C 61 15.13 -39.97 1.96
C LEU C 61 15.29 -40.60 3.34
N SER C 62 14.22 -41.19 3.89
CA SER C 62 14.29 -41.81 5.20
C SER C 62 15.34 -42.92 5.27
N GLU C 63 15.84 -43.39 4.13
CA GLU C 63 16.85 -44.45 4.15
C GLU C 63 18.18 -43.95 4.72
N HIS C 64 18.56 -42.72 4.40
CA HIS C 64 19.83 -42.16 4.85
C HIS C 64 19.68 -40.87 5.64
N PHE C 65 18.45 -40.41 5.90
CA PHE C 65 18.24 -39.13 6.57
C PHE C 65 17.14 -39.27 7.61
N HIS C 66 17.18 -38.37 8.60
CA HIS C 66 16.13 -38.24 9.61
C HIS C 66 15.23 -37.10 9.13
N VAL C 67 14.20 -37.46 8.38
CA VAL C 67 13.42 -36.49 7.62
C VAL C 67 12.27 -35.96 8.47
N TYR C 68 12.02 -34.65 8.33
CA TYR C 68 10.91 -33.97 8.99
C TYR C 68 10.13 -33.23 7.91
N ALA C 69 8.83 -33.51 7.80
CA ALA C 69 7.95 -32.82 6.87
C ALA C 69 6.86 -32.10 7.65
N VAL C 70 6.67 -30.82 7.37
CA VAL C 70 5.87 -29.94 8.22
C VAL C 70 4.75 -29.29 7.41
N ASP C 71 3.64 -29.02 8.10
CA ASP C 71 2.60 -28.15 7.60
C ASP C 71 2.89 -26.73 8.07
N LEU C 72 3.02 -25.80 7.13
CA LEU C 72 3.16 -24.40 7.51
C LEU C 72 1.83 -23.87 8.03
N ARG C 73 1.89 -22.77 8.77
CA ARG C 73 0.68 -22.11 9.21
C ARG C 73 -0.20 -21.81 8.00
N GLY C 74 -1.51 -21.96 8.17
CA GLY C 74 -2.42 -21.82 7.06
C GLY C 74 -2.47 -23.01 6.14
N GLN C 75 -2.05 -24.18 6.60
CA GLN C 75 -2.00 -25.37 5.76
C GLN C 75 -2.07 -26.61 6.64
N GLY C 76 -2.68 -27.66 6.11
CA GLY C 76 -2.73 -28.93 6.82
C GLY C 76 -3.43 -28.79 8.16
N ARG C 77 -2.90 -29.49 9.16
CA ARG C 77 -3.41 -29.43 10.51
C ARG C 77 -2.73 -28.36 11.36
N SER C 78 -1.96 -27.47 10.74
CA SER C 78 -1.33 -26.38 11.47
C SER C 78 -2.30 -25.22 11.62
N SER C 79 -2.05 -24.39 12.63
CA SER C 79 -2.96 -23.30 12.94
C SER C 79 -3.15 -22.39 11.73
N TRP C 80 -4.40 -22.02 11.49
CA TRP C 80 -4.72 -20.97 10.54
C TRP C 80 -4.71 -19.63 11.28
N THR C 81 -3.92 -18.67 10.80
CA THR C 81 -3.69 -17.40 11.47
C THR C 81 -4.09 -16.27 10.55
N PRO C 82 -5.35 -15.82 10.60
CA PRO C 82 -5.75 -14.69 9.76
C PRO C 82 -4.94 -13.44 10.10
N LYS C 83 -4.55 -12.72 9.05
CA LYS C 83 -3.83 -11.45 9.14
C LYS C 83 -2.39 -11.60 9.60
N ARG C 84 -1.87 -12.83 9.68
CA ARG C 84 -0.52 -13.07 10.19
C ARG C 84 0.40 -13.75 9.18
N TYR C 85 -0.01 -13.85 7.92
CA TYR C 85 0.75 -14.59 6.92
C TYR C 85 1.82 -13.69 6.33
N SER C 86 3.08 -13.96 6.68
CA SER C 86 4.21 -13.23 6.15
C SER C 86 5.40 -14.17 6.07
N LEU C 87 6.34 -13.85 5.18
CA LEU C 87 7.55 -14.67 5.07
C LEU C 87 8.27 -14.76 6.41
N ASP C 88 8.35 -13.65 7.14
CA ASP C 88 9.05 -13.66 8.42
C ASP C 88 8.33 -14.53 9.44
N ASN C 89 6.99 -14.54 9.40
CA ASN C 89 6.23 -15.39 10.31
C ASN C 89 6.38 -16.86 9.93
N PHE C 90 6.26 -17.18 8.64
CA PHE C 90 6.54 -18.53 8.18
C PHE C 90 7.95 -18.97 8.60
N GLY C 91 8.94 -18.12 8.32
CA GLY C 91 10.32 -18.50 8.57
C GLY C 91 10.64 -18.69 10.04
N ASN C 92 10.08 -17.82 10.90
CA ASN C 92 10.36 -17.96 12.33
C ASN C 92 9.59 -19.12 12.93
N ASP C 93 8.45 -19.50 12.34
CA ASP C 93 7.82 -20.75 12.73
C ASP C 93 8.76 -21.93 12.49
N LEU C 94 9.49 -21.91 11.38
CA LEU C 94 10.41 -23.00 11.08
C LEU C 94 11.66 -22.92 11.96
N VAL C 95 12.12 -21.71 12.27
CA VAL C 95 13.21 -21.55 13.23
C VAL C 95 12.84 -22.21 14.56
N ARG C 96 11.60 -22.00 15.01
CA ARG C 96 11.17 -22.58 16.27
C ARG C 96 11.02 -24.10 16.17
N PHE C 97 10.60 -24.60 15.01
CA PHE C 97 10.50 -26.05 14.84
C PHE C 97 11.88 -26.69 14.90
N ILE C 98 12.87 -26.09 14.25
CA ILE C 98 14.23 -26.63 14.30
C ILE C 98 14.74 -26.64 15.73
N ALA C 99 14.41 -25.60 16.50
CA ALA C 99 14.92 -25.48 17.86
C ALA C 99 14.21 -26.41 18.82
N LEU C 100 12.89 -26.55 18.69
CA LEU C 100 12.10 -27.34 19.62
C LEU C 100 12.05 -28.82 19.25
N VAL C 101 11.99 -29.14 17.95
CA VAL C 101 11.79 -30.50 17.51
C VAL C 101 13.11 -31.11 17.04
N VAL C 102 13.73 -30.50 16.03
CA VAL C 102 14.94 -31.07 15.45
C VAL C 102 16.08 -31.06 16.46
N LYS C 103 16.41 -29.88 16.98
CA LYS C 103 17.44 -29.74 18.01
C LYS C 103 18.82 -30.14 17.50
N ARG C 104 19.03 -30.13 16.18
CA ARG C 104 20.34 -30.38 15.60
C ARG C 104 20.46 -29.54 14.34
N PRO C 105 21.65 -29.48 13.76
CA PRO C 105 21.77 -28.86 12.43
C PRO C 105 20.93 -29.62 11.42
N VAL C 106 20.30 -28.89 10.50
CA VAL C 106 19.37 -29.46 9.55
C VAL C 106 19.73 -29.01 8.14
N VAL C 107 19.61 -29.92 7.19
CA VAL C 107 19.61 -29.58 5.76
C VAL C 107 18.16 -29.36 5.37
N VAL C 108 17.87 -28.17 4.85
CA VAL C 108 16.49 -27.78 4.54
C VAL C 108 16.24 -27.94 3.05
N ALA C 109 15.00 -28.31 2.71
CA ALA C 109 14.56 -28.39 1.33
C ALA C 109 13.18 -27.77 1.24
N GLY C 110 12.99 -26.89 0.26
CA GLY C 110 11.72 -26.19 0.09
C GLY C 110 11.31 -26.07 -1.35
N ASN C 111 10.03 -26.31 -1.63
CA ASN C 111 9.50 -26.27 -2.99
C ASN C 111 8.71 -24.99 -3.19
N SER C 112 8.97 -24.31 -4.31
CA SER C 112 8.26 -23.08 -4.64
C SER C 112 8.32 -22.09 -3.48
N SER C 113 7.16 -21.69 -2.97
CA SER C 113 7.14 -20.78 -1.82
C SER C 113 7.96 -21.34 -0.67
N GLY C 114 7.90 -22.66 -0.47
CA GLY C 114 8.77 -23.29 0.50
C GLY C 114 10.24 -23.10 0.18
N GLY C 115 10.58 -23.00 -1.10
CA GLY C 115 11.96 -22.73 -1.47
C GLY C 115 12.40 -21.32 -1.08
N VAL C 116 11.51 -20.35 -1.26
CA VAL C 116 11.78 -19.00 -0.76
C VAL C 116 12.03 -19.04 0.74
N LEU C 117 11.22 -19.80 1.47
CA LEU C 117 11.40 -19.91 2.91
C LEU C 117 12.68 -20.67 3.25
N ALA C 118 13.14 -21.56 2.37
CA ALA C 118 14.43 -22.20 2.59
C ALA C 118 15.56 -21.18 2.51
N ALA C 119 15.54 -20.33 1.47
CA ALA C 119 16.52 -19.25 1.39
C ALA C 119 16.36 -18.29 2.56
N TRP C 120 15.13 -18.08 3.03
CA TRP C 120 14.92 -17.26 4.22
C TRP C 120 15.70 -17.81 5.40
N LEU C 121 15.54 -19.10 5.70
CA LEU C 121 16.26 -19.70 6.82
C LEU C 121 17.77 -19.60 6.62
N SER C 122 18.24 -19.77 5.38
CA SER C 122 19.67 -19.69 5.12
C SER C 122 20.23 -18.34 5.55
N ALA C 123 19.46 -17.28 5.39
CA ALA C 123 19.92 -15.93 5.71
C ALA C 123 19.54 -15.50 7.12
N TYR C 124 18.33 -15.86 7.59
CA TYR C 124 17.77 -15.26 8.78
C TYR C 124 17.51 -16.24 9.92
N SER C 125 17.92 -17.50 9.78
CA SER C 125 17.75 -18.44 10.88
C SER C 125 18.68 -18.07 12.03
N MET C 126 18.57 -18.82 13.12
CA MET C 126 19.52 -18.66 14.22
C MET C 126 20.85 -19.29 13.83
N PRO C 127 21.95 -18.82 14.41
CA PRO C 127 23.26 -19.32 13.97
C PRO C 127 23.40 -20.82 14.15
N GLY C 128 23.97 -21.47 13.14
CA GLY C 128 24.24 -22.89 13.20
C GLY C 128 23.04 -23.79 13.04
N GLN C 129 21.85 -23.24 12.80
CA GLN C 129 20.67 -24.07 12.67
C GLN C 129 20.67 -24.87 11.37
N LEU C 130 21.31 -24.35 10.34
CA LEU C 130 21.25 -24.92 9.00
C LEU C 130 22.64 -25.33 8.52
N ARG C 131 22.71 -26.45 7.81
CA ARG C 131 23.92 -26.88 7.12
C ARG C 131 23.91 -26.51 5.64
N GLY C 132 22.73 -26.29 5.08
CA GLY C 132 22.57 -25.99 3.67
C GLY C 132 21.10 -26.06 3.32
N VAL C 133 20.69 -25.43 2.22
CA VAL C 133 19.29 -25.39 1.83
C VAL C 133 19.17 -25.71 0.36
N LEU C 134 18.17 -26.52 0.01
CA LEU C 134 17.80 -26.77 -1.37
C LEU C 134 16.51 -26.01 -1.66
N CYS C 135 16.57 -25.08 -2.61
CA CYS C 135 15.41 -24.32 -3.06
C CYS C 135 14.92 -24.95 -4.35
N GLU C 136 13.84 -25.73 -4.25
CA GLU C 136 13.31 -26.47 -5.39
C GLU C 136 12.38 -25.55 -6.18
N ASP C 137 12.85 -25.06 -7.32
CA ASP C 137 12.08 -24.19 -8.20
C ASP C 137 11.51 -23.00 -7.41
N PRO C 138 12.36 -22.20 -6.79
CA PRO C 138 11.87 -21.12 -5.93
C PRO C 138 11.50 -19.90 -6.75
N PRO C 139 10.32 -19.31 -6.53
CA PRO C 139 9.96 -18.08 -7.26
C PRO C 139 10.64 -16.84 -6.68
N PHE C 140 11.97 -16.82 -6.73
CA PHE C 140 12.71 -15.64 -6.34
C PHE C 140 12.30 -14.47 -7.23
N PHE C 141 11.87 -13.38 -6.59
CA PHE C 141 11.42 -12.17 -7.27
C PHE C 141 10.03 -12.38 -7.89
N ALA C 142 9.85 -13.46 -8.65
CA ALA C 142 8.59 -13.69 -9.33
C ALA C 142 7.42 -13.72 -8.36
N SER C 143 7.64 -14.14 -7.12
CA SER C 143 6.59 -14.21 -6.12
C SER C 143 6.35 -12.89 -5.41
N GLU C 144 7.16 -11.87 -5.69
CA GLU C 144 7.00 -10.56 -5.08
C GLU C 144 6.10 -9.68 -5.93
N LEU C 145 5.47 -8.70 -5.29
CA LEU C 145 4.69 -7.70 -6.02
C LEU C 145 5.58 -6.62 -6.60
N VAL C 146 6.64 -6.25 -5.89
CA VAL C 146 7.58 -5.22 -6.34
C VAL C 146 8.98 -5.84 -6.37
N PRO C 147 9.24 -6.78 -7.27
CA PRO C 147 10.57 -7.40 -7.31
C PRO C 147 11.62 -6.46 -7.85
N ALA C 148 12.85 -6.65 -7.37
CA ALA C 148 13.97 -5.89 -7.89
C ALA C 148 14.36 -6.32 -9.30
N HIS C 149 13.97 -7.53 -9.71
CA HIS C 149 14.35 -8.06 -11.02
C HIS C 149 13.23 -8.92 -11.57
N GLY C 150 12.96 -8.76 -12.86
CA GLY C 150 12.11 -9.69 -13.58
C GLY C 150 10.62 -9.46 -13.36
N HIS C 151 9.86 -10.49 -13.70
CA HIS C 151 8.40 -10.41 -13.62
C HIS C 151 7.94 -10.27 -12.18
N SER C 152 6.86 -9.51 -11.99
CA SER C 152 6.18 -9.45 -10.72
C SER C 152 5.20 -10.62 -10.61
N VAL C 153 4.66 -10.81 -9.40
CA VAL C 153 3.72 -11.91 -9.19
C VAL C 153 2.49 -11.74 -10.06
N ARG C 154 2.13 -10.50 -10.38
CA ARG C 154 0.96 -10.27 -11.23
C ARG C 154 1.22 -10.72 -12.67
N GLN C 155 2.47 -10.92 -13.06
CA GLN C 155 2.83 -11.41 -14.38
C GLN C 155 3.23 -12.88 -14.38
N GLY C 156 2.97 -13.59 -13.29
CA GLY C 156 3.29 -15.00 -13.20
C GLY C 156 2.18 -15.81 -12.55
N ALA C 157 2.33 -16.13 -11.28
CA ALA C 157 1.31 -16.88 -10.55
C ALA C 157 0.17 -16.01 -10.05
N GLY C 158 0.22 -14.70 -10.29
CA GLY C 158 -0.79 -13.78 -9.83
C GLY C 158 -2.20 -14.20 -10.21
N PRO C 159 -2.43 -14.41 -11.51
CA PRO C 159 -3.78 -14.80 -11.95
C PRO C 159 -4.36 -15.97 -11.17
N VAL C 160 -3.54 -16.97 -10.86
CA VAL C 160 -4.03 -18.10 -10.08
C VAL C 160 -4.30 -17.68 -8.64
N PHE C 161 -3.46 -16.81 -8.08
CA PHE C 161 -3.68 -16.33 -6.73
C PHE C 161 -4.94 -15.49 -6.64
N GLU C 162 -5.21 -14.68 -7.68
CA GLU C 162 -6.45 -13.89 -7.69
C GLU C 162 -7.68 -14.79 -7.70
N LEU C 163 -7.60 -15.95 -8.34
CA LEU C 163 -8.73 -16.86 -8.35
C LEU C 163 -8.96 -17.50 -6.98
N PHE C 164 -7.88 -17.86 -6.29
CA PHE C 164 -8.00 -18.33 -4.91
C PHE C 164 -8.57 -17.24 -4.02
N ARG C 165 -8.06 -16.01 -4.15
CA ARG C 165 -8.51 -14.92 -3.30
C ARG C 165 -9.98 -14.60 -3.54
N THR C 166 -10.41 -14.58 -4.80
CA THR C 166 -11.75 -14.11 -5.13
C THR C 166 -12.81 -15.17 -4.87
N TYR C 167 -12.56 -16.41 -5.25
CA TYR C 167 -13.59 -17.45 -5.23
C TYR C 167 -13.47 -18.41 -4.06
N LEU C 168 -12.26 -18.60 -3.50
CA LEU C 168 -12.11 -19.40 -2.29
C LEU C 168 -12.20 -18.54 -1.04
N GLY C 169 -11.44 -17.44 -1.00
CA GLY C 169 -11.53 -16.48 0.07
C GLY C 169 -10.72 -16.86 1.30
N ASP C 170 -10.56 -15.89 2.19
CA ASP C 170 -9.83 -16.11 3.42
C ASP C 170 -10.51 -17.21 4.24
N GLN C 171 -9.71 -18.19 4.68
CA GLN C 171 -10.22 -19.30 5.48
C GLN C 171 -11.43 -19.95 4.81
N TRP C 172 -11.40 -20.01 3.48
CA TRP C 172 -12.50 -20.59 2.70
C TRP C 172 -13.83 -19.92 3.03
N SER C 173 -13.78 -18.61 3.29
CA SER C 173 -14.99 -17.89 3.69
C SER C 173 -15.98 -17.77 2.53
N VAL C 174 -15.49 -17.78 1.29
CA VAL C 174 -16.38 -17.73 0.14
C VAL C 174 -16.70 -19.14 -0.36
N GLY C 175 -15.67 -19.93 -0.64
CA GLY C 175 -15.88 -21.33 -1.01
C GLY C 175 -16.69 -21.50 -2.27
N ASP C 176 -16.48 -20.65 -3.27
CA ASP C 176 -17.20 -20.74 -4.53
C ASP C 176 -16.39 -21.59 -5.52
N TRP C 177 -16.33 -22.89 -5.20
CA TRP C 177 -15.60 -23.81 -6.07
C TRP C 177 -16.17 -23.81 -7.48
N GLU C 178 -17.50 -23.77 -7.61
CA GLU C 178 -18.13 -23.70 -8.92
C GLU C 178 -17.60 -22.50 -9.71
N GLY C 179 -17.64 -21.31 -9.08
CA GLY C 179 -17.13 -20.13 -9.75
C GLY C 179 -15.64 -20.17 -10.01
N PHE C 180 -14.88 -20.81 -9.10
CA PHE C 180 -13.44 -20.91 -9.30
C PHE C 180 -13.12 -21.71 -10.55
N CYS C 181 -13.70 -22.90 -10.68
CA CYS C 181 -13.48 -23.71 -11.88
C CYS C 181 -13.93 -22.95 -13.13
N ARG C 182 -15.09 -22.28 -13.05
CA ARG C 182 -15.56 -21.50 -14.19
C ARG C 182 -14.57 -20.40 -14.54
N ALA C 183 -14.05 -19.70 -13.52
CA ALA C 183 -13.08 -18.65 -13.78
C ALA C 183 -11.78 -19.21 -14.33
N ALA C 184 -11.43 -20.45 -13.95
CA ALA C 184 -10.19 -21.06 -14.40
C ALA C 184 -10.39 -21.80 -15.72
N GLY C 199 -14.07 -32.54 -7.90
CA GLY C 199 -14.12 -32.10 -6.51
C GLY C 199 -12.95 -31.23 -6.13
N ILE C 200 -12.92 -30.79 -4.87
CA ILE C 200 -11.85 -29.94 -4.36
C ILE C 200 -10.66 -30.84 -4.02
N PRO C 201 -9.50 -30.65 -4.64
CA PRO C 201 -8.34 -31.49 -4.29
C PRO C 201 -8.06 -31.46 -2.79
N GLN C 202 -7.57 -32.59 -2.28
CA GLN C 202 -7.34 -32.71 -0.84
C GLN C 202 -6.42 -31.61 -0.32
N HIS C 203 -5.28 -31.41 -0.99
CA HIS C 203 -4.32 -30.41 -0.53
C HIS C 203 -4.94 -29.02 -0.49
N LEU C 204 -5.91 -28.75 -1.37
CA LEU C 204 -6.59 -27.46 -1.35
C LEU C 204 -7.62 -27.37 -0.23
N GLN C 205 -8.21 -28.50 0.17
CA GLN C 205 -9.15 -28.48 1.28
C GLN C 205 -8.48 -28.06 2.58
N GLU C 206 -7.21 -28.41 2.74
CA GLU C 206 -6.44 -28.07 3.93
C GLU C 206 -5.70 -26.75 3.80
N TYR C 207 -6.03 -25.96 2.78
CA TYR C 207 -5.27 -24.77 2.42
C TYR C 207 -6.08 -23.52 2.74
N ASP C 208 -5.46 -22.58 3.46
CA ASP C 208 -6.08 -21.31 3.78
C ASP C 208 -5.83 -20.34 2.63
N PRO C 209 -6.82 -20.01 1.81
CA PRO C 209 -6.55 -19.17 0.63
C PRO C 209 -6.08 -17.77 0.96
N GLU C 210 -6.09 -17.34 2.23
CA GLU C 210 -5.47 -16.06 2.55
C GLU C 210 -3.98 -16.08 2.22
N TRP C 211 -3.38 -17.26 2.15
CA TRP C 211 -2.06 -17.43 1.53
C TRP C 211 -1.98 -16.68 0.21
N ALA C 212 -2.95 -16.93 -0.68
CA ALA C 212 -2.91 -16.33 -2.01
C ALA C 212 -3.07 -14.81 -1.92
N ARG C 213 -3.91 -14.33 -1.00
CA ARG C 213 -4.12 -12.89 -0.88
C ARG C 213 -2.81 -12.17 -0.58
N VAL C 214 -2.09 -12.60 0.46
CA VAL C 214 -0.90 -11.88 0.88
C VAL C 214 0.16 -11.89 -0.22
N PHE C 215 0.22 -12.95 -1.01
CA PHE C 215 1.13 -12.97 -2.15
C PHE C 215 0.63 -12.04 -3.25
N TYR C 216 -0.66 -12.13 -3.59
CA TYR C 216 -1.20 -11.28 -4.65
C TYR C 216 -1.13 -9.80 -4.28
N GLU C 217 -1.38 -9.48 -3.01
CA GLU C 217 -1.42 -8.09 -2.56
C GLU C 217 -0.05 -7.57 -2.15
N GLY C 218 0.99 -8.41 -2.17
CA GLY C 218 2.33 -7.95 -1.87
C GLY C 218 2.59 -7.66 -0.42
N THR C 219 1.81 -8.23 0.50
CA THR C 219 2.02 -8.03 1.92
C THR C 219 2.86 -9.12 2.57
N VAL C 220 2.89 -10.32 1.98
CA VAL C 220 3.60 -11.43 2.61
C VAL C 220 5.09 -11.13 2.74
N GLY C 221 5.65 -10.40 1.79
CA GLY C 221 7.08 -10.12 1.79
C GLY C 221 7.41 -8.64 1.83
N LEU C 222 6.47 -7.83 2.35
CA LEU C 222 6.70 -6.39 2.40
C LEU C 222 7.95 -6.06 3.19
N SER C 223 8.09 -6.65 4.37
CA SER C 223 9.25 -6.42 5.23
C SER C 223 10.37 -7.42 4.98
N CYS C 224 10.37 -8.07 3.81
CA CYS C 224 11.35 -9.12 3.51
C CYS C 224 11.58 -9.17 2.01
N PRO C 225 12.14 -8.11 1.44
CA PRO C 225 12.45 -8.13 0.00
C PRO C 225 13.49 -9.19 -0.31
N HIS C 226 13.25 -9.93 -1.41
CA HIS C 226 14.08 -11.08 -1.72
C HIS C 226 15.53 -10.69 -1.93
N GLU C 227 15.80 -9.52 -2.49
CA GLU C 227 17.17 -9.14 -2.80
C GLU C 227 18.00 -8.97 -1.52
N ARG C 228 17.38 -8.46 -0.45
CA ARG C 228 18.05 -8.43 0.84
C ARG C 228 18.23 -9.84 1.41
N MET C 229 17.18 -10.65 1.32
CA MET C 229 17.26 -12.04 1.73
C MET C 229 18.40 -12.76 1.01
N LEU C 230 18.37 -12.74 -0.32
CA LEU C 230 19.34 -13.51 -1.09
C LEU C 230 20.75 -12.98 -0.90
N GLY C 231 20.91 -11.67 -0.79
CA GLY C 231 22.21 -11.08 -0.54
C GLY C 231 22.76 -11.30 0.85
N GLN C 232 22.03 -12.02 1.71
CA GLN C 232 22.46 -12.26 3.08
C GLN C 232 22.43 -13.75 3.44
N VAL C 233 22.26 -14.64 2.47
CA VAL C 233 22.29 -16.06 2.78
C VAL C 233 23.63 -16.40 3.41
N LYS C 234 23.62 -17.41 4.30
CA LYS C 234 24.80 -17.76 5.08
C LYS C 234 25.16 -19.24 4.99
N THR C 235 24.46 -20.02 4.19
CA THR C 235 24.71 -21.44 4.02
C THR C 235 24.84 -21.75 2.54
N PRO C 236 25.37 -22.92 2.19
CA PRO C 236 25.36 -23.34 0.79
C PRO C 236 23.93 -23.43 0.28
N VAL C 237 23.73 -23.06 -0.98
CA VAL C 237 22.41 -23.00 -1.59
C VAL C 237 22.43 -23.81 -2.88
N LEU C 238 21.52 -24.77 -2.98
CA LEU C 238 21.26 -25.50 -4.22
C LEU C 238 19.96 -24.97 -4.82
N LEU C 239 20.03 -24.44 -6.03
CA LEU C 239 18.90 -23.88 -6.73
C LEU C 239 18.57 -24.76 -7.94
N THR C 240 17.46 -25.48 -7.86
CA THR C 240 16.97 -26.28 -8.97
C THR C 240 15.93 -25.46 -9.73
N HIS C 241 16.18 -25.23 -11.01
CA HIS C 241 15.32 -24.42 -11.86
C HIS C 241 14.61 -25.35 -12.83
N HIS C 242 13.29 -25.48 -12.67
CA HIS C 242 12.52 -26.45 -13.44
C HIS C 242 11.95 -25.81 -14.71
N MET C 243 10.79 -26.28 -15.16
CA MET C 243 10.17 -25.73 -16.36
C MET C 243 9.92 -24.24 -16.20
N ARG C 244 10.20 -23.47 -17.25
CA ARG C 244 9.89 -22.05 -17.27
C ARG C 244 9.84 -21.57 -18.71
N GLY C 245 9.08 -20.50 -18.92
CA GLY C 245 8.96 -19.93 -20.25
C GLY C 245 8.13 -18.68 -20.22
N ILE C 246 7.66 -18.27 -21.40
CA ILE C 246 6.82 -17.09 -21.54
C ILE C 246 5.58 -17.47 -22.34
N ASP C 247 4.42 -17.00 -21.88
CA ASP C 247 3.19 -17.17 -22.64
C ASP C 247 3.14 -16.12 -23.73
N PRO C 248 3.16 -16.52 -25.01
CA PRO C 248 3.19 -15.49 -26.07
C PRO C 248 1.98 -14.57 -26.05
N GLU C 249 0.81 -15.08 -25.65
CA GLU C 249 -0.41 -14.27 -25.71
C GLU C 249 -0.39 -13.13 -24.70
N THR C 250 0.26 -13.33 -23.56
CA THR C 250 0.28 -12.33 -22.49
C THR C 250 1.68 -11.85 -22.13
N GLY C 251 2.72 -12.56 -22.52
CA GLY C 251 4.05 -12.26 -22.03
C GLY C 251 4.31 -12.66 -20.60
N ASN C 252 3.35 -13.34 -19.97
CA ASN C 252 3.49 -13.71 -18.57
C ASN C 252 4.56 -14.77 -18.39
N LEU C 253 5.01 -14.91 -17.16
CA LEU C 253 6.01 -15.92 -16.83
C LEU C 253 5.32 -17.26 -16.58
N LEU C 254 5.89 -18.31 -17.16
CA LEU C 254 5.50 -19.68 -16.85
C LEU C 254 6.61 -20.30 -16.01
N GLY C 255 6.22 -21.06 -15.00
CA GLY C 255 7.16 -21.62 -14.06
C GLY C 255 7.34 -20.74 -12.84
N ALA C 256 8.33 -21.11 -12.03
CA ALA C 256 8.57 -20.41 -10.78
C ALA C 256 9.27 -19.08 -10.99
N LEU C 257 10.36 -19.08 -11.77
CA LEU C 257 11.11 -17.85 -12.02
C LEU C 257 11.77 -17.95 -13.38
N SER C 258 12.13 -16.78 -13.93
CA SER C 258 12.76 -16.69 -15.22
C SER C 258 14.26 -16.89 -15.12
N ASP C 259 14.90 -17.12 -16.27
CA ASP C 259 16.36 -17.23 -16.30
C ASP C 259 17.01 -15.96 -15.77
N GLU C 260 16.41 -14.80 -16.08
CA GLU C 260 16.94 -13.54 -15.56
C GLU C 260 16.87 -13.51 -14.04
N GLN C 261 15.72 -13.90 -13.48
CA GLN C 261 15.56 -13.86 -12.02
C GLN C 261 16.46 -14.88 -11.34
N ALA C 262 16.63 -16.05 -11.93
CA ALA C 262 17.55 -17.03 -11.37
C ALA C 262 18.99 -16.51 -11.40
N LEU C 263 19.35 -15.80 -12.47
CA LEU C 263 20.69 -15.22 -12.55
C LEU C 263 20.90 -14.18 -11.45
N ARG C 264 20.00 -13.21 -11.36
CA ARG C 264 20.15 -12.14 -10.37
C ARG C 264 20.11 -12.70 -8.95
N ALA C 265 19.34 -13.77 -8.73
CA ALA C 265 19.33 -14.40 -7.41
C ALA C 265 20.68 -15.03 -7.09
N ARG C 266 21.27 -15.72 -8.06
CA ARG C 266 22.56 -16.37 -7.83
C ARG C 266 23.67 -15.34 -7.66
N ARG C 267 23.59 -14.23 -8.41
CA ARG C 267 24.58 -13.17 -8.23
C ARG C 267 24.51 -12.57 -6.84
N LEU C 268 23.29 -12.39 -6.31
CA LEU C 268 23.14 -11.87 -4.96
C LEU C 268 23.65 -12.87 -3.94
N MET C 269 23.27 -14.15 -4.08
CA MET C 269 23.72 -15.16 -3.14
C MET C 269 25.22 -15.38 -3.23
N ASP C 270 25.77 -15.36 -4.45
CA ASP C 270 27.22 -15.46 -4.60
C ASP C 270 27.91 -14.31 -3.89
N SER C 271 27.36 -13.09 -4.02
CA SER C 271 27.92 -11.94 -3.32
C SER C 271 27.86 -12.13 -1.81
N ALA C 272 26.86 -12.88 -1.32
CA ALA C 272 26.78 -13.16 0.10
C ALA C 272 27.90 -14.05 0.59
N GLY C 273 28.60 -14.73 -0.32
CA GLY C 273 29.72 -15.56 0.05
C GLY C 273 29.33 -16.98 0.42
N VAL C 274 28.53 -17.62 -0.44
CA VAL C 274 28.12 -19.01 -0.23
C VAL C 274 28.29 -19.76 -1.53
N THR C 275 28.39 -21.09 -1.41
CA THR C 275 28.47 -21.97 -2.57
C THR C 275 27.08 -22.12 -3.17
N VAL C 276 26.87 -21.54 -4.35
CA VAL C 276 25.59 -21.56 -5.02
C VAL C 276 25.65 -22.60 -6.13
N ASP C 277 24.99 -23.73 -5.93
CA ASP C 277 24.88 -24.76 -6.95
C ASP C 277 23.56 -24.60 -7.69
N TYR C 278 23.61 -24.73 -9.01
CA TYR C 278 22.48 -24.39 -9.87
C TYR C 278 22.30 -25.51 -10.90
N GLU C 279 21.16 -26.18 -10.84
CA GLU C 279 20.83 -27.27 -11.76
C GLU C 279 19.54 -26.91 -12.49
N SER C 280 19.63 -26.77 -13.81
CA SER C 280 18.47 -26.47 -14.64
C SER C 280 17.86 -27.77 -15.15
N VAL C 281 16.62 -28.03 -14.75
CA VAL C 281 15.87 -29.19 -15.24
C VAL C 281 14.67 -28.64 -16.00
N PRO C 282 14.84 -28.24 -17.26
CA PRO C 282 13.73 -27.56 -17.96
C PRO C 282 12.52 -28.42 -18.23
N ASP C 283 12.59 -29.74 -18.01
CA ASP C 283 11.50 -30.65 -18.34
C ASP C 283 10.77 -31.20 -17.13
N ALA C 284 11.01 -30.63 -15.94
CA ALA C 284 10.34 -31.08 -14.73
C ALA C 284 9.25 -30.11 -14.32
N SER C 285 8.20 -30.64 -13.69
CA SER C 285 7.17 -29.81 -13.12
C SER C 285 7.72 -29.07 -11.90
N TYR C 286 6.95 -28.09 -11.43
CA TYR C 286 7.41 -27.29 -10.29
C TYR C 286 7.51 -28.14 -9.03
N MET C 287 6.73 -29.22 -8.93
CA MET C 287 6.80 -30.15 -7.81
C MET C 287 7.49 -31.43 -8.28
N MET C 288 8.81 -31.34 -8.46
CA MET C 288 9.57 -32.52 -8.87
C MET C 288 9.58 -33.58 -7.78
N HIS C 289 9.63 -33.17 -6.51
CA HIS C 289 9.66 -34.14 -5.43
C HIS C 289 8.42 -35.03 -5.42
N GLN C 290 7.34 -34.61 -6.08
CA GLN C 290 6.15 -35.43 -6.24
C GLN C 290 6.01 -36.03 -7.63
N SER C 291 6.34 -35.26 -8.67
CA SER C 291 6.23 -35.79 -10.03
C SER C 291 7.38 -36.73 -10.36
N ALA C 292 8.59 -36.40 -9.91
CA ALA C 292 9.78 -37.22 -10.16
C ALA C 292 10.57 -37.36 -8.87
N PRO C 293 10.00 -38.06 -7.88
CA PRO C 293 10.70 -38.18 -6.58
C PRO C 293 12.10 -38.75 -6.68
N ALA C 294 12.30 -39.81 -7.47
CA ALA C 294 13.63 -40.41 -7.57
C ALA C 294 14.64 -39.40 -8.10
N ARG C 295 14.27 -38.63 -9.12
CA ARG C 295 15.16 -37.60 -9.63
C ARG C 295 15.39 -36.51 -8.60
N TYR C 296 14.35 -36.16 -7.85
CA TYR C 296 14.48 -35.13 -6.82
C TYR C 296 15.44 -35.58 -5.73
N VAL C 297 15.23 -36.80 -5.20
CA VAL C 297 16.11 -37.29 -4.15
C VAL C 297 17.54 -37.46 -4.66
N GLU C 298 17.70 -37.84 -5.93
CA GLU C 298 19.04 -37.99 -6.50
C GLU C 298 19.80 -36.67 -6.43
N ILE C 299 19.15 -35.57 -6.82
CA ILE C 299 19.80 -34.27 -6.77
C ILE C 299 20.04 -33.84 -5.33
N PHE C 300 19.14 -34.21 -4.42
CA PHE C 300 19.29 -33.81 -3.03
C PHE C 300 20.44 -34.55 -2.36
N THR C 301 20.44 -35.88 -2.44
CA THR C 301 21.47 -36.66 -1.77
C THR C 301 22.85 -36.33 -2.32
N ARG C 302 22.96 -36.14 -3.64
CA ARG C 302 24.25 -35.77 -4.23
C ARG C 302 24.79 -34.49 -3.60
N TRP C 303 24.04 -33.41 -3.72
CA TRP C 303 24.48 -32.14 -3.15
C TRP C 303 24.54 -32.20 -1.63
N ALA C 304 23.59 -32.91 -1.00
CA ALA C 304 23.60 -33.03 0.45
C ALA C 304 24.82 -33.77 0.96
N ALA C 305 25.35 -34.71 0.16
CA ALA C 305 26.51 -35.47 0.57
C ALA C 305 27.80 -34.65 0.51
N ALA C 306 27.79 -33.55 -0.24
CA ALA C 306 28.98 -32.70 -0.38
C ALA C 306 29.04 -31.59 0.65
N LEU C 307 28.06 -31.50 1.55
CA LEU C 307 28.03 -30.44 2.55
C LEU C 307 29.08 -30.69 3.64
N THR D 3 29.12 15.86 14.86
CA THR D 3 28.25 14.73 15.10
C THR D 3 27.75 14.14 13.79
N SER D 4 28.01 12.84 13.59
CA SER D 4 27.58 12.14 12.38
C SER D 4 27.02 10.78 12.77
N PRO D 5 25.72 10.72 13.08
CA PRO D 5 25.12 9.42 13.41
C PRO D 5 25.15 8.42 12.27
N ALA D 6 25.23 8.88 11.02
CA ALA D 6 25.30 7.96 9.89
C ALA D 6 26.54 7.07 9.98
N LEU D 7 27.61 7.57 10.61
CA LEU D 7 28.84 6.81 10.74
C LEU D 7 28.86 5.89 11.96
N ARG D 8 27.86 5.99 12.83
CA ARG D 8 27.73 5.08 13.98
C ARG D 8 28.96 5.12 14.87
N ASP D 9 29.51 6.33 15.07
CA ASP D 9 30.65 6.55 15.93
C ASP D 9 30.29 7.48 17.09
N VAL D 10 29.04 7.38 17.56
CA VAL D 10 28.49 8.34 18.52
C VAL D 10 28.36 7.78 19.92
N HIS D 11 28.58 6.48 20.11
CA HIS D 11 28.23 5.85 21.38
C HIS D 11 29.16 6.30 22.50
N VAL D 12 28.58 6.46 23.68
CA VAL D 12 29.29 6.97 24.85
C VAL D 12 29.26 5.88 25.92
N PRO D 13 30.13 5.97 26.93
CA PRO D 13 30.13 4.96 27.99
C PRO D 13 28.92 5.12 28.90
N HIS D 14 28.57 4.02 29.57
CA HIS D 14 27.44 3.98 30.46
C HIS D 14 27.82 3.19 31.72
N ALA D 15 26.88 3.13 32.67
CA ALA D 15 27.19 2.56 33.97
C ALA D 15 27.54 1.08 33.89
N TYR D 16 26.99 0.37 32.91
CA TYR D 16 27.20 -1.07 32.81
C TYR D 16 27.95 -1.43 31.53
N PRO D 17 28.71 -2.52 31.54
CA PRO D 17 29.42 -2.92 30.32
C PRO D 17 28.46 -3.50 29.29
N GLU D 18 28.76 -3.22 28.03
CA GLU D 18 27.91 -3.65 26.92
C GLU D 18 28.43 -4.96 26.32
N GLN D 19 27.51 -5.84 25.98
CA GLN D 19 27.82 -7.13 25.38
C GLN D 19 27.06 -7.25 24.05
N GLN D 20 27.53 -8.16 23.20
CA GLN D 20 26.93 -8.39 21.90
C GLN D 20 26.73 -9.88 21.67
N VAL D 21 25.64 -10.24 21.01
CA VAL D 21 25.33 -11.62 20.69
C VAL D 21 24.85 -11.68 19.25
N ASP D 22 25.19 -12.77 18.57
CA ASP D 22 24.77 -13.00 17.18
C ASP D 22 23.46 -13.78 17.20
N LEU D 23 22.37 -13.11 16.85
CA LEU D 23 21.06 -13.74 16.78
C LEU D 23 20.76 -14.31 15.40
N GLY D 24 21.75 -14.37 14.52
CA GLY D 24 21.54 -14.85 13.17
C GLY D 24 21.57 -13.71 12.15
N GLU D 25 20.42 -13.06 11.95
CA GLU D 25 20.37 -11.95 11.01
C GLU D 25 21.12 -10.74 11.54
N ILE D 26 21.06 -10.50 12.85
CA ILE D 26 21.58 -9.28 13.43
C ILE D 26 22.51 -9.62 14.59
N THR D 27 23.31 -8.63 14.97
CA THR D 27 24.01 -8.61 16.25
C THR D 27 23.23 -7.69 17.18
N MET D 28 22.95 -8.17 18.39
CA MET D 28 22.18 -7.41 19.36
C MET D 28 23.11 -7.00 20.50
N ASN D 29 23.19 -5.69 20.75
CA ASN D 29 23.93 -5.16 21.88
C ASN D 29 23.01 -5.07 23.09
N TYR D 30 23.55 -5.43 24.25
CA TYR D 30 22.78 -5.42 25.48
C TYR D 30 23.70 -5.19 26.67
N ALA D 31 23.10 -4.89 27.81
CA ALA D 31 23.79 -4.80 29.08
C ALA D 31 23.12 -5.74 30.08
N GLU D 32 23.88 -6.09 31.12
CA GLU D 32 23.45 -7.12 32.06
C GLU D 32 23.74 -6.67 33.48
N ALA D 33 22.80 -6.92 34.37
CA ALA D 33 22.93 -6.54 35.77
C ALA D 33 22.20 -7.55 36.65
N GLY D 34 22.72 -7.76 37.84
CA GLY D 34 22.12 -8.64 38.82
C GLY D 34 22.86 -9.97 38.93
N ASP D 35 22.29 -10.85 39.75
CA ASP D 35 22.87 -12.16 39.99
C ASP D 35 22.21 -13.17 39.07
N PRO D 36 22.97 -13.93 38.25
CA PRO D 36 22.33 -14.86 37.31
C PRO D 36 21.38 -15.86 37.96
N ASP D 37 21.53 -16.08 39.27
CA ASP D 37 20.68 -17.03 39.97
C ASP D 37 19.29 -16.46 40.30
N ARG D 38 19.02 -15.20 39.96
CA ARG D 38 17.75 -14.56 40.25
C ARG D 38 16.83 -14.64 39.04
N PRO D 39 15.53 -14.42 39.24
CA PRO D 39 14.61 -14.41 38.08
C PRO D 39 15.03 -13.38 37.05
N ALA D 40 15.02 -13.80 35.79
CA ALA D 40 15.51 -12.96 34.71
C ALA D 40 14.46 -11.94 34.29
N VAL D 41 14.94 -10.77 33.88
CA VAL D 41 14.09 -9.67 33.42
C VAL D 41 14.66 -9.12 32.14
N LEU D 42 13.80 -8.87 31.16
CA LEU D 42 14.19 -8.29 29.87
C LEU D 42 13.53 -6.93 29.72
N LEU D 43 14.33 -5.92 29.42
CA LEU D 43 13.86 -4.55 29.30
C LEU D 43 14.00 -4.10 27.85
N ILE D 44 12.90 -3.63 27.27
CA ILE D 44 12.84 -3.21 25.88
C ILE D 44 12.68 -1.68 25.86
N PRO D 45 13.62 -0.94 25.29
CA PRO D 45 13.48 0.53 25.29
C PRO D 45 12.37 1.01 24.36
N GLU D 46 11.99 2.28 24.58
CA GLU D 46 11.09 2.97 23.68
C GLU D 46 11.78 3.19 22.33
N GLN D 47 10.99 3.64 21.34
CA GLN D 47 11.57 4.04 20.08
C GLN D 47 12.48 5.26 20.29
N THR D 48 13.61 5.27 19.60
CA THR D 48 14.69 6.25 19.75
C THR D 48 15.49 6.02 21.02
N GLY D 49 15.16 5.02 21.83
CA GLY D 49 15.83 4.75 23.08
C GLY D 49 16.70 3.50 22.99
N SER D 50 17.90 3.57 23.55
CA SER D 50 18.80 2.44 23.61
C SER D 50 18.63 1.71 24.94
N TRP D 51 19.42 0.66 25.15
CA TRP D 51 19.31 -0.12 26.37
C TRP D 51 19.50 0.75 27.60
N TRP D 52 20.40 1.74 27.52
CA TRP D 52 20.71 2.57 28.67
C TRP D 52 19.60 3.54 29.02
N SER D 53 18.48 3.52 28.29
CA SER D 53 17.29 4.22 28.75
C SER D 53 16.86 3.71 30.11
N TYR D 54 17.18 2.45 30.42
CA TYR D 54 16.82 1.82 31.69
C TYR D 54 17.97 1.85 32.69
N GLU D 55 19.06 2.54 32.38
CA GLU D 55 20.27 2.46 33.19
C GLU D 55 19.98 2.54 34.69
N GLU D 56 19.26 3.58 35.11
CA GLU D 56 18.94 3.71 36.52
C GLU D 56 18.02 2.59 37.00
N ALA D 57 16.99 2.28 36.20
CA ALA D 57 16.05 1.23 36.59
C ALA D 57 16.75 -0.13 36.73
N MET D 58 17.81 -0.36 35.96
CA MET D 58 18.57 -1.60 36.10
C MET D 58 19.18 -1.71 37.49
N GLY D 59 19.79 -0.64 37.98
CA GLY D 59 20.39 -0.68 39.30
C GLY D 59 19.37 -1.00 40.39
N LEU D 60 18.16 -0.46 40.26
CA LEU D 60 17.13 -0.74 41.25
C LEU D 60 16.60 -2.16 41.11
N LEU D 61 16.32 -2.59 39.88
CA LEU D 61 15.77 -3.92 39.67
C LEU D 61 16.78 -5.02 39.97
N SER D 62 18.09 -4.72 39.90
CA SER D 62 19.10 -5.73 40.16
C SER D 62 19.06 -6.24 41.58
N GLU D 63 18.37 -5.55 42.50
CA GLU D 63 18.23 -6.07 43.85
C GLU D 63 17.44 -7.36 43.90
N HIS D 64 16.44 -7.50 43.01
CA HIS D 64 15.56 -8.66 43.02
C HIS D 64 15.71 -9.55 41.80
N PHE D 65 16.27 -9.07 40.70
CA PHE D 65 16.20 -9.76 39.43
C PHE D 65 17.56 -9.78 38.73
N HIS D 66 17.64 -10.65 37.72
CA HIS D 66 18.74 -10.67 36.77
C HIS D 66 18.27 -9.92 35.53
N VAL D 67 18.78 -8.71 35.33
CA VAL D 67 18.22 -7.76 34.37
C VAL D 67 19.04 -7.78 33.10
N TYR D 68 18.36 -7.90 31.96
CA TYR D 68 18.95 -7.71 30.64
C TYR D 68 18.27 -6.52 29.97
N ALA D 69 19.06 -5.57 29.50
CA ALA D 69 18.58 -4.43 28.74
C ALA D 69 19.22 -4.47 27.35
N VAL D 70 18.39 -4.40 26.32
CA VAL D 70 18.83 -4.71 24.96
C VAL D 70 18.68 -3.48 24.07
N ASP D 71 19.54 -3.40 23.06
CA ASP D 71 19.37 -2.49 21.94
C ASP D 71 18.65 -3.24 20.83
N LEU D 72 17.46 -2.79 20.47
CA LEU D 72 16.78 -3.38 19.32
C LEU D 72 17.53 -3.03 18.04
N ARG D 73 17.27 -3.82 17.00
CA ARG D 73 17.82 -3.50 15.69
C ARG D 73 17.39 -2.09 15.29
N GLY D 74 18.28 -1.41 14.56
CA GLY D 74 18.02 -0.02 14.23
C GLY D 74 18.23 0.93 15.39
N GLN D 75 18.94 0.51 16.43
CA GLN D 75 19.11 1.33 17.62
C GLN D 75 20.40 0.93 18.33
N GLY D 76 21.06 1.91 18.93
CA GLY D 76 22.20 1.62 19.77
C GLY D 76 23.37 1.06 18.98
N ARG D 77 23.91 -0.06 19.46
CA ARG D 77 25.02 -0.75 18.80
C ARG D 77 24.54 -2.00 18.07
N SER D 78 23.24 -2.22 17.98
CA SER D 78 22.71 -3.38 17.26
C SER D 78 22.67 -3.09 15.77
N SER D 79 22.55 -4.16 14.99
CA SER D 79 22.61 -4.03 13.55
C SER D 79 21.50 -3.11 13.03
N TRP D 80 21.83 -2.32 12.01
CA TRP D 80 20.84 -1.59 11.23
C TRP D 80 20.47 -2.44 10.02
N THR D 81 19.18 -2.74 9.87
CA THR D 81 18.70 -3.65 8.83
C THR D 81 17.69 -2.91 7.95
N PRO D 82 18.17 -2.26 6.88
CA PRO D 82 17.23 -1.60 5.95
C PRO D 82 16.21 -2.58 5.40
N LYS D 83 14.96 -2.13 5.29
CA LYS D 83 13.85 -2.87 4.71
C LYS D 83 13.40 -4.05 5.57
N ARG D 84 13.90 -4.17 6.80
CA ARG D 84 13.58 -5.32 7.64
C ARG D 84 12.89 -4.94 8.95
N TYR D 85 12.58 -3.67 9.18
CA TYR D 85 12.03 -3.23 10.45
C TYR D 85 10.54 -3.56 10.50
N SER D 86 10.17 -4.51 11.34
CA SER D 86 8.78 -4.90 11.51
C SER D 86 8.59 -5.47 12.91
N LEU D 87 7.35 -5.37 13.40
CA LEU D 87 7.07 -5.88 14.74
C LEU D 87 7.46 -7.35 14.86
N ASP D 88 7.21 -8.14 13.82
CA ASP D 88 7.52 -9.56 13.88
C ASP D 88 9.03 -9.81 13.89
N ASN D 89 9.80 -8.98 13.20
CA ASN D 89 11.25 -9.13 13.24
C ASN D 89 11.82 -8.61 14.55
N PHE D 90 11.29 -7.50 15.06
CA PHE D 90 11.65 -7.04 16.40
C PHE D 90 11.38 -8.13 17.43
N GLY D 91 10.17 -8.69 17.40
CA GLY D 91 9.79 -9.65 18.43
C GLY D 91 10.58 -10.94 18.35
N ASN D 92 10.84 -11.42 17.14
CA ASN D 92 11.59 -12.66 17.00
C ASN D 92 13.07 -12.47 17.32
N ASP D 93 13.59 -11.25 17.15
CA ASP D 93 14.91 -10.95 17.69
C ASP D 93 14.95 -11.18 19.19
N LEU D 94 13.92 -10.73 19.91
CA LEU D 94 13.89 -10.93 21.36
C LEU D 94 13.64 -12.39 21.71
N VAL D 95 12.82 -13.08 20.92
CA VAL D 95 12.62 -14.51 21.12
C VAL D 95 13.95 -15.24 21.09
N ARG D 96 14.81 -14.89 20.14
CA ARG D 96 16.12 -15.53 20.05
C ARG D 96 17.03 -15.07 21.17
N PHE D 97 16.98 -13.79 21.52
CA PHE D 97 17.78 -13.30 22.64
C PHE D 97 17.48 -14.08 23.91
N ILE D 98 16.20 -14.34 24.18
CA ILE D 98 15.84 -15.10 25.37
C ILE D 98 16.35 -16.52 25.26
N ALA D 99 16.26 -17.13 24.08
CA ALA D 99 16.62 -18.53 23.91
C ALA D 99 18.13 -18.75 23.89
N LEU D 100 18.89 -17.76 23.41
CA LEU D 100 20.33 -17.89 23.26
C LEU D 100 21.13 -17.31 24.42
N VAL D 101 20.67 -16.19 25.00
CA VAL D 101 21.42 -15.51 26.04
C VAL D 101 20.83 -15.84 27.41
N VAL D 102 19.58 -15.44 27.63
CA VAL D 102 18.99 -15.60 28.96
C VAL D 102 18.89 -17.09 29.31
N LYS D 103 18.25 -17.87 28.45
CA LYS D 103 18.09 -19.32 28.62
C LYS D 103 17.22 -19.67 29.81
N ARG D 104 16.43 -18.73 30.31
CA ARG D 104 15.53 -18.96 31.43
C ARG D 104 14.23 -18.21 31.15
N PRO D 105 13.14 -18.58 31.80
CA PRO D 105 11.92 -17.78 31.69
C PRO D 105 12.17 -16.36 32.19
N VAL D 106 11.50 -15.40 31.56
CA VAL D 106 11.76 -13.99 31.80
C VAL D 106 10.46 -13.24 32.03
N VAL D 107 10.56 -12.16 32.81
CA VAL D 107 9.53 -11.14 32.88
C VAL D 107 9.99 -9.97 32.02
N VAL D 108 9.17 -9.57 31.06
CA VAL D 108 9.55 -8.56 30.08
C VAL D 108 8.87 -7.25 30.42
N ALA D 109 9.63 -6.16 30.34
CA ALA D 109 9.09 -4.81 30.48
C ALA D 109 9.49 -4.00 29.25
N GLY D 110 8.52 -3.37 28.62
CA GLY D 110 8.78 -2.57 27.43
C GLY D 110 8.06 -1.25 27.49
N ASN D 111 8.77 -0.19 27.10
CA ASN D 111 8.24 1.17 27.12
C ASN D 111 7.89 1.61 25.71
N SER D 112 6.74 2.26 25.57
CA SER D 112 6.25 2.78 24.29
C SER D 112 6.25 1.62 23.29
N SER D 113 6.88 1.77 22.11
CA SER D 113 6.93 0.66 21.16
C SER D 113 7.51 -0.59 21.79
N GLY D 114 8.43 -0.45 22.74
CA GLY D 114 8.92 -1.60 23.47
C GLY D 114 7.81 -2.33 24.21
N GLY D 115 6.82 -1.60 24.70
CA GLY D 115 5.67 -2.23 25.35
C GLY D 115 4.78 -2.97 24.36
N VAL D 116 4.66 -2.45 23.14
CA VAL D 116 3.99 -3.21 22.09
C VAL D 116 4.72 -4.53 21.86
N LEU D 117 6.05 -4.49 21.85
CA LEU D 117 6.82 -5.71 21.65
C LEU D 117 6.70 -6.64 22.86
N ALA D 118 6.64 -6.07 24.07
CA ALA D 118 6.40 -6.89 25.25
C ALA D 118 5.09 -7.67 25.10
N ALA D 119 4.02 -6.97 24.68
CA ALA D 119 2.77 -7.66 24.41
C ALA D 119 2.94 -8.68 23.29
N TRP D 120 3.65 -8.30 22.23
CA TRP D 120 3.95 -9.24 21.15
C TRP D 120 4.52 -10.55 21.72
N LEU D 121 5.54 -10.43 22.58
CA LEU D 121 6.15 -11.62 23.17
C LEU D 121 5.12 -12.41 23.99
N SER D 122 4.29 -11.72 24.77
CA SER D 122 3.29 -12.41 25.57
C SER D 122 2.43 -13.32 24.71
N ALA D 123 2.06 -12.85 23.51
CA ALA D 123 1.20 -13.62 22.64
C ALA D 123 1.96 -14.51 21.66
N TYR D 124 3.14 -14.09 21.22
CA TYR D 124 3.82 -14.73 20.09
C TYR D 124 5.20 -15.28 20.41
N SER D 125 5.62 -15.29 21.68
CA SER D 125 6.90 -15.87 22.02
C SER D 125 6.80 -17.40 21.93
N MET D 126 7.94 -18.06 22.19
CA MET D 126 7.92 -19.51 22.26
C MET D 126 7.36 -19.95 23.61
N PRO D 127 6.68 -21.10 23.65
CA PRO D 127 5.98 -21.48 24.89
C PRO D 127 6.94 -21.55 26.07
N GLY D 128 6.52 -20.94 27.18
CA GLY D 128 7.29 -20.97 28.41
C GLY D 128 8.41 -19.96 28.50
N GLN D 129 8.60 -19.13 27.47
CA GLN D 129 9.68 -18.15 27.51
C GLN D 129 9.38 -17.02 28.50
N LEU D 130 8.10 -16.70 28.70
CA LEU D 130 7.69 -15.53 29.48
C LEU D 130 6.85 -15.96 30.67
N ARG D 131 7.04 -15.26 31.79
CA ARG D 131 6.17 -15.37 32.94
C ARG D 131 5.12 -14.27 33.00
N GLY D 132 5.37 -13.14 32.35
CA GLY D 132 4.49 -11.99 32.40
C GLY D 132 5.16 -10.80 31.74
N VAL D 133 4.39 -9.79 31.36
CA VAL D 133 4.93 -8.65 30.63
C VAL D 133 4.39 -7.37 31.22
N LEU D 134 5.25 -6.36 31.31
CA LEU D 134 4.88 -5.01 31.72
C LEU D 134 4.96 -4.11 30.49
N CYS D 135 3.82 -3.61 30.05
CA CYS D 135 3.76 -2.70 28.91
C CYS D 135 3.69 -1.28 29.47
N GLU D 136 4.83 -0.60 29.45
CA GLU D 136 4.95 0.74 30.03
C GLU D 136 4.50 1.77 29.00
N ASP D 137 3.29 2.30 29.18
CA ASP D 137 2.74 3.33 28.31
C ASP D 137 2.84 2.90 26.84
N PRO D 138 2.22 1.79 26.46
CA PRO D 138 2.36 1.28 25.10
C PRO D 138 1.39 1.95 24.16
N PRO D 139 1.82 2.30 22.94
CA PRO D 139 0.88 2.85 21.95
C PRO D 139 0.06 1.78 21.26
N PHE D 140 -0.73 1.05 22.05
CA PHE D 140 -1.66 0.08 21.48
C PHE D 140 -2.63 0.80 20.55
N PHE D 141 -2.70 0.32 19.31
CA PHE D 141 -3.53 0.91 18.27
C PHE D 141 -2.98 2.25 17.79
N ALA D 142 -2.65 3.14 18.73
CA ALA D 142 -2.20 4.48 18.37
C ALA D 142 -0.96 4.45 17.49
N SER D 143 -0.14 3.40 17.59
CA SER D 143 1.06 3.27 16.76
C SER D 143 0.78 2.59 15.43
N GLU D 144 -0.44 2.14 15.18
CA GLU D 144 -0.81 1.52 13.93
C GLU D 144 -1.31 2.57 12.94
N LEU D 145 -1.07 2.32 11.66
CA LEU D 145 -1.60 3.22 10.64
C LEU D 145 -3.10 3.05 10.48
N VAL D 146 -3.59 1.81 10.62
CA VAL D 146 -5.01 1.51 10.50
C VAL D 146 -5.42 0.68 11.70
N PRO D 147 -5.52 1.27 12.89
CA PRO D 147 -5.91 0.50 14.07
C PRO D 147 -7.39 0.15 14.06
N ALA D 148 -7.73 -0.90 14.79
CA ALA D 148 -9.13 -1.28 14.97
C ALA D 148 -9.85 -0.34 15.93
N HIS D 149 -9.13 0.53 16.65
CA HIS D 149 -9.75 1.37 17.66
C HIS D 149 -8.98 2.67 17.80
N GLY D 150 -9.70 3.79 17.73
CA GLY D 150 -9.15 5.06 18.15
C GLY D 150 -8.17 5.68 17.17
N HIS D 151 -7.33 6.57 17.70
CA HIS D 151 -6.40 7.33 16.88
C HIS D 151 -5.43 6.42 16.15
N SER D 152 -5.07 6.83 14.94
CA SER D 152 -4.02 6.18 14.19
C SER D 152 -2.68 6.85 14.48
N VAL D 153 -1.60 6.25 13.96
CA VAL D 153 -0.28 6.83 14.16
C VAL D 153 -0.21 8.23 13.56
N ARG D 154 -0.92 8.47 12.46
CA ARG D 154 -0.92 9.78 11.84
C ARG D 154 -1.52 10.85 12.74
N GLN D 155 -2.28 10.44 13.75
CA GLN D 155 -2.89 11.37 14.71
C GLN D 155 -2.23 11.29 16.08
N GLY D 156 -1.06 10.65 16.18
CA GLY D 156 -0.34 10.56 17.42
C GLY D 156 1.11 10.97 17.25
N ALA D 157 2.02 10.00 17.23
CA ALA D 157 3.43 10.28 17.00
C ALA D 157 3.77 10.45 15.53
N GLY D 158 2.83 10.18 14.63
CA GLY D 158 3.05 10.28 13.21
C GLY D 158 3.73 11.57 12.78
N PRO D 159 3.22 12.71 13.25
CA PRO D 159 3.84 13.99 12.87
C PRO D 159 5.32 14.06 13.19
N VAL D 160 5.74 13.48 14.31
CA VAL D 160 7.16 13.44 14.63
C VAL D 160 7.87 12.44 13.72
N PHE D 161 7.27 11.28 13.50
CA PHE D 161 7.88 10.29 12.62
C PHE D 161 8.10 10.85 11.22
N GLU D 162 7.17 11.67 10.74
CA GLU D 162 7.30 12.25 9.41
C GLU D 162 8.54 13.14 9.32
N LEU D 163 8.82 13.90 10.38
CA LEU D 163 10.02 14.74 10.38
C LEU D 163 11.28 13.88 10.45
N PHE D 164 11.23 12.80 11.22
CA PHE D 164 12.36 11.87 11.26
C PHE D 164 12.60 11.26 9.88
N ARG D 165 11.53 10.84 9.20
CA ARG D 165 11.67 10.22 7.89
C ARG D 165 12.22 11.21 6.87
N THR D 166 11.69 12.44 6.86
CA THR D 166 12.02 13.39 5.81
C THR D 166 13.40 14.00 6.02
N TYR D 167 13.69 14.46 7.24
CA TYR D 167 14.89 15.25 7.48
C TYR D 167 16.07 14.44 8.00
N LEU D 168 15.82 13.32 8.68
CA LEU D 168 16.91 12.45 9.11
C LEU D 168 17.16 11.32 8.12
N GLY D 169 16.10 10.67 7.65
CA GLY D 169 16.20 9.68 6.60
C GLY D 169 16.71 8.34 7.09
N ASP D 170 16.51 7.32 6.26
CA ASP D 170 16.94 5.97 6.58
C ASP D 170 18.44 5.96 6.90
N GLN D 171 18.78 5.36 8.04
CA GLN D 171 20.17 5.25 8.48
C GLN D 171 20.87 6.61 8.46
N TRP D 172 20.11 7.67 8.72
CA TRP D 172 20.65 9.03 8.77
C TRP D 172 21.26 9.45 7.43
N SER D 173 20.73 8.91 6.34
CA SER D 173 21.26 9.21 5.02
C SER D 173 21.02 10.67 4.62
N VAL D 174 20.03 11.32 5.21
CA VAL D 174 19.75 12.73 4.92
C VAL D 174 20.45 13.58 5.96
N GLY D 175 20.15 13.33 7.23
CA GLY D 175 20.84 14.01 8.32
C GLY D 175 20.71 15.52 8.29
N ASP D 176 19.59 16.04 7.82
CA ASP D 176 19.35 17.49 7.80
C ASP D 176 18.80 17.94 9.15
N TRP D 177 19.68 17.97 10.14
CA TRP D 177 19.28 18.37 11.49
C TRP D 177 18.76 19.80 11.51
N GLU D 178 19.37 20.69 10.71
CA GLU D 178 18.89 22.06 10.65
C GLU D 178 17.46 22.11 10.15
N GLY D 179 17.16 21.38 9.07
CA GLY D 179 15.81 21.34 8.56
C GLY D 179 14.83 20.73 9.55
N PHE D 180 15.26 19.68 10.24
CA PHE D 180 14.38 19.06 11.24
C PHE D 180 13.99 20.06 12.32
N CYS D 181 14.97 20.78 12.87
CA CYS D 181 14.69 21.76 13.91
C CYS D 181 13.74 22.84 13.39
N ARG D 182 13.98 23.32 12.17
CA ARG D 182 13.10 24.34 11.61
C ARG D 182 11.68 23.82 11.45
N ALA D 183 11.54 22.62 10.91
CA ALA D 183 10.20 22.02 10.77
C ALA D 183 9.57 21.78 12.13
N ALA D 184 10.38 21.41 13.13
CA ALA D 184 9.89 21.17 14.47
C ALA D 184 9.71 22.49 15.23
N GLY D 199 22.93 19.95 20.96
CA GLY D 199 22.83 19.42 19.62
C GLY D 199 21.81 18.30 19.49
N ILE D 200 22.24 17.18 18.93
CA ILE D 200 21.35 16.03 18.76
C ILE D 200 21.33 15.22 20.06
N PRO D 201 20.17 14.89 20.61
CA PRO D 201 20.15 14.05 21.82
C PRO D 201 20.91 12.75 21.58
N GLN D 202 21.66 12.33 22.61
CA GLN D 202 22.49 11.13 22.47
C GLN D 202 21.65 9.93 22.02
N HIS D 203 20.48 9.75 22.63
CA HIS D 203 19.65 8.61 22.27
C HIS D 203 19.24 8.66 20.80
N LEU D 204 18.93 9.86 20.29
CA LEU D 204 18.54 9.99 18.89
C LEU D 204 19.72 9.77 17.96
N GLN D 205 20.95 10.07 18.41
CA GLN D 205 22.12 9.80 17.60
C GLN D 205 22.29 8.31 17.35
N GLU D 206 21.79 7.47 18.26
CA GLU D 206 21.91 6.02 18.15
C GLU D 206 20.70 5.39 17.48
N TYR D 207 19.88 6.19 16.79
CA TYR D 207 18.57 5.78 16.30
C TYR D 207 18.60 5.73 14.78
N ASP D 208 18.13 4.61 14.22
CA ASP D 208 17.97 4.48 12.78
C ASP D 208 16.62 5.06 12.39
N PRO D 209 16.56 6.22 11.73
CA PRO D 209 15.26 6.85 11.46
C PRO D 209 14.37 6.05 10.51
N GLU D 210 14.85 4.96 9.92
CA GLU D 210 13.92 4.09 9.20
C GLU D 210 12.89 3.49 10.12
N TRP D 211 13.19 3.39 11.42
CA TRP D 211 12.18 3.12 12.43
C TRP D 211 10.94 3.97 12.20
N ALA D 212 11.14 5.29 12.06
CA ALA D 212 10.02 6.21 11.93
C ALA D 212 9.27 5.98 10.63
N ARG D 213 10.00 5.71 9.54
CA ARG D 213 9.35 5.48 8.26
C ARG D 213 8.34 4.33 8.36
N VAL D 214 8.78 3.17 8.87
CA VAL D 214 7.93 2.00 8.88
C VAL D 214 6.72 2.21 9.77
N PHE D 215 6.85 3.06 10.79
CA PHE D 215 5.70 3.40 11.62
C PHE D 215 4.80 4.41 10.92
N TYR D 216 5.39 5.43 10.30
CA TYR D 216 4.59 6.42 9.58
C TYR D 216 3.92 5.80 8.36
N GLU D 217 4.60 4.89 7.67
CA GLU D 217 4.07 4.26 6.48
C GLU D 217 3.23 3.02 6.78
N GLY D 218 3.14 2.61 8.04
CA GLY D 218 2.28 1.50 8.40
C GLY D 218 2.74 0.15 7.92
N THR D 219 4.03 -0.02 7.64
CA THR D 219 4.57 -1.31 7.24
C THR D 219 5.11 -2.12 8.42
N VAL D 220 5.41 -1.46 9.54
CA VAL D 220 6.03 -2.15 10.67
C VAL D 220 5.09 -3.22 11.22
N GLY D 221 3.79 -2.94 11.23
CA GLY D 221 2.83 -3.85 11.83
C GLY D 221 1.74 -4.31 10.88
N LEU D 222 1.99 -4.22 9.58
CA LEU D 222 0.98 -4.63 8.60
C LEU D 222 0.51 -6.06 8.85
N SER D 223 1.46 -6.98 9.00
CA SER D 223 1.16 -8.39 9.24
C SER D 223 1.03 -8.71 10.74
N CYS D 224 0.87 -7.69 11.58
CA CYS D 224 0.76 -7.88 13.03
C CYS D 224 -0.25 -6.90 13.58
N PRO D 225 -1.54 -7.10 13.29
CA PRO D 225 -2.56 -6.22 13.85
C PRO D 225 -2.63 -6.37 15.36
N HIS D 226 -2.61 -5.23 16.05
CA HIS D 226 -2.60 -5.26 17.52
C HIS D 226 -3.82 -5.98 18.08
N GLU D 227 -4.97 -5.86 17.40
CA GLU D 227 -6.19 -6.50 17.90
C GLU D 227 -6.01 -8.02 17.99
N ARG D 228 -5.37 -8.62 16.99
CA ARG D 228 -5.14 -10.06 17.03
C ARG D 228 -4.04 -10.41 18.02
N MET D 229 -3.01 -9.57 18.11
CA MET D 229 -1.96 -9.77 19.10
C MET D 229 -2.52 -9.68 20.51
N LEU D 230 -3.22 -8.58 20.81
CA LEU D 230 -3.77 -8.40 22.15
C LEU D 230 -4.75 -9.50 22.53
N GLY D 231 -5.51 -10.00 21.56
CA GLY D 231 -6.44 -11.08 21.80
C GLY D 231 -5.81 -12.45 21.94
N GLN D 232 -4.50 -12.56 21.78
CA GLN D 232 -3.80 -13.85 21.88
C GLN D 232 -2.68 -13.82 22.91
N VAL D 233 -2.70 -12.83 23.82
CA VAL D 233 -1.71 -12.83 24.90
C VAL D 233 -1.91 -14.07 25.76
N LYS D 234 -0.80 -14.61 26.28
CA LYS D 234 -0.83 -15.87 27.00
C LYS D 234 -0.17 -15.79 28.37
N THR D 235 0.21 -14.60 28.82
CA THR D 235 0.82 -14.39 30.11
C THR D 235 0.09 -13.26 30.82
N PRO D 236 0.25 -13.14 32.14
CA PRO D 236 -0.26 -11.95 32.83
C PRO D 236 0.33 -10.70 32.21
N VAL D 237 -0.48 -9.66 32.11
CA VAL D 237 -0.07 -8.40 31.51
C VAL D 237 -0.33 -7.28 32.50
N LEU D 238 0.66 -6.40 32.67
CA LEU D 238 0.50 -5.16 33.41
C LEU D 238 0.64 -4.02 32.41
N LEU D 239 -0.41 -3.19 32.33
CA LEU D 239 -0.47 -2.07 31.39
C LEU D 239 -0.48 -0.78 32.19
N THR D 240 0.62 -0.05 32.17
CA THR D 240 0.69 1.26 32.79
C THR D 240 0.31 2.31 31.75
N HIS D 241 -0.67 3.15 32.09
CA HIS D 241 -1.20 4.16 31.19
C HIS D 241 -0.82 5.52 31.76
N HIS D 242 0.21 6.12 31.19
CA HIS D 242 0.74 7.38 31.70
C HIS D 242 -0.07 8.55 31.14
N MET D 243 0.57 9.72 31.00
CA MET D 243 -0.15 10.91 30.58
C MET D 243 -0.79 10.71 29.22
N ARG D 244 -2.00 11.24 29.07
CA ARG D 244 -2.68 11.26 27.77
C ARG D 244 -3.62 12.44 27.72
N GLY D 245 -3.88 12.91 26.50
CA GLY D 245 -4.77 14.04 26.30
C GLY D 245 -4.99 14.26 24.81
N ILE D 246 -5.76 15.30 24.51
CA ILE D 246 -6.12 15.66 23.14
C ILE D 246 -5.58 17.05 22.86
N ASP D 247 -4.81 17.17 21.79
CA ASP D 247 -4.30 18.48 21.37
C ASP D 247 -5.47 19.32 20.85
N PRO D 248 -5.75 20.49 21.44
CA PRO D 248 -6.91 21.26 20.96
C PRO D 248 -6.81 21.69 19.51
N GLU D 249 -5.61 22.06 19.06
CA GLU D 249 -5.48 22.64 17.72
C GLU D 249 -5.76 21.62 16.62
N THR D 250 -5.39 20.35 16.84
CA THR D 250 -5.51 19.33 15.82
C THR D 250 -6.40 18.16 16.21
N GLY D 251 -6.77 18.03 17.48
CA GLY D 251 -7.46 16.84 17.92
C GLY D 251 -6.59 15.60 17.99
N ASN D 252 -5.29 15.75 17.80
CA ASN D 252 -4.38 14.61 17.83
C ASN D 252 -4.23 14.09 19.25
N LEU D 253 -3.82 12.82 19.36
CA LEU D 253 -3.59 12.20 20.65
C LEU D 253 -2.27 12.68 21.24
N LEU D 254 -2.32 13.09 22.50
CA LEU D 254 -1.12 13.37 23.28
C LEU D 254 -0.85 12.17 24.18
N GLY D 255 0.37 11.64 24.12
CA GLY D 255 0.71 10.46 24.88
C GLY D 255 0.70 9.20 24.04
N ALA D 256 0.76 8.07 24.74
CA ALA D 256 0.89 6.78 24.07
C ALA D 256 -0.43 6.33 23.46
N LEU D 257 -1.46 6.17 24.27
CA LEU D 257 -2.75 5.70 23.79
C LEU D 257 -3.86 6.36 24.59
N SER D 258 -5.02 6.51 23.96
CA SER D 258 -6.17 7.12 24.62
C SER D 258 -6.79 6.15 25.61
N ASP D 259 -7.74 6.66 26.39
CA ASP D 259 -8.47 5.81 27.33
C ASP D 259 -9.33 4.81 26.59
N GLU D 260 -9.93 5.22 25.47
CA GLU D 260 -10.71 4.28 24.66
C GLU D 260 -9.83 3.13 24.17
N GLN D 261 -8.62 3.45 23.69
CA GLN D 261 -7.73 2.40 23.21
C GLN D 261 -7.27 1.50 24.35
N ALA D 262 -6.98 2.09 25.52
CA ALA D 262 -6.63 1.27 26.67
C ALA D 262 -7.78 0.35 27.06
N LEU D 263 -9.00 0.88 27.07
CA LEU D 263 -10.17 0.07 27.40
C LEU D 263 -10.29 -1.11 26.44
N ARG D 264 -10.19 -0.87 25.14
CA ARG D 264 -10.33 -1.96 24.18
C ARG D 264 -9.18 -2.94 24.28
N ALA D 265 -7.97 -2.47 24.58
CA ALA D 265 -6.84 -3.38 24.73
C ALA D 265 -7.02 -4.28 25.95
N ARG D 266 -7.61 -3.75 27.02
CA ARG D 266 -7.80 -4.55 28.23
C ARG D 266 -8.82 -5.66 28.01
N ARG D 267 -9.94 -5.34 27.34
CA ARG D 267 -10.97 -6.35 27.13
C ARG D 267 -10.51 -7.41 26.16
N LEU D 268 -9.74 -7.02 25.13
CA LEU D 268 -9.14 -8.02 24.26
C LEU D 268 -8.24 -8.96 25.06
N MET D 269 -7.37 -8.40 25.89
CA MET D 269 -6.48 -9.22 26.69
C MET D 269 -7.25 -10.04 27.72
N ASP D 270 -8.29 -9.43 28.31
CA ASP D 270 -9.14 -10.19 29.23
C ASP D 270 -9.84 -11.34 28.50
N SER D 271 -10.33 -11.10 27.29
CA SER D 271 -10.96 -12.15 26.52
CA SER D 271 -10.96 -12.16 26.53
C SER D 271 -9.99 -13.29 26.23
N ALA D 272 -8.69 -12.98 26.15
CA ALA D 272 -7.68 -14.01 25.90
C ALA D 272 -7.51 -14.95 27.08
N GLY D 273 -7.95 -14.53 28.27
CA GLY D 273 -7.91 -15.39 29.44
C GLY D 273 -6.74 -15.16 30.38
N VAL D 274 -6.07 -14.01 30.30
CA VAL D 274 -4.92 -13.72 31.13
C VAL D 274 -5.32 -12.72 32.20
N THR D 275 -4.49 -12.62 33.24
CA THR D 275 -4.69 -11.65 34.31
C THR D 275 -4.15 -10.31 33.85
N VAL D 276 -5.04 -9.32 33.69
CA VAL D 276 -4.67 -7.99 33.25
C VAL D 276 -4.68 -7.05 34.44
N ASP D 277 -3.57 -6.35 34.65
CA ASP D 277 -3.47 -5.28 35.64
C ASP D 277 -3.37 -3.96 34.89
N TYR D 278 -4.30 -3.05 35.17
CA TYR D 278 -4.31 -1.73 34.56
C TYR D 278 -3.88 -0.72 35.63
N GLU D 279 -2.74 -0.08 35.41
CA GLU D 279 -2.17 0.88 36.35
C GLU D 279 -2.11 2.23 35.68
N SER D 280 -3.10 3.07 35.92
CA SER D 280 -3.13 4.40 35.34
C SER D 280 -2.30 5.36 36.18
N VAL D 281 -1.35 6.02 35.54
CA VAL D 281 -0.52 7.04 36.19
C VAL D 281 -0.59 8.29 35.33
N PRO D 282 -1.73 9.00 35.30
CA PRO D 282 -1.91 10.06 34.31
C PRO D 282 -0.97 11.23 34.45
N ASP D 283 -0.26 11.36 35.58
CA ASP D 283 0.66 12.47 35.80
C ASP D 283 2.10 12.08 35.56
N ALA D 284 2.35 10.92 34.96
CA ALA D 284 3.70 10.45 34.68
C ALA D 284 4.07 10.71 33.23
N SER D 285 5.35 10.99 33.01
CA SER D 285 5.86 11.07 31.65
C SER D 285 5.86 9.67 31.03
N TYR D 286 5.96 9.63 29.70
CA TYR D 286 5.89 8.35 29.02
C TYR D 286 7.10 7.46 29.29
N MET D 287 8.18 8.02 29.83
CA MET D 287 9.35 7.24 30.24
C MET D 287 9.48 7.27 31.75
N MET D 288 8.52 6.63 32.43
CA MET D 288 8.52 6.65 33.88
C MET D 288 9.74 5.95 34.44
N HIS D 289 10.22 4.89 33.78
CA HIS D 289 11.41 4.21 34.26
C HIS D 289 12.61 5.14 34.29
N GLN D 290 12.57 6.25 33.55
CA GLN D 290 13.63 7.24 33.54
C GLN D 290 13.29 8.48 34.35
N SER D 291 12.03 8.91 34.33
CA SER D 291 11.61 10.13 35.02
C SER D 291 11.28 9.89 36.49
N ALA D 292 10.65 8.75 36.80
CA ALA D 292 10.33 8.37 38.17
C ALA D 292 10.75 6.93 38.39
N PRO D 293 12.05 6.66 38.45
CA PRO D 293 12.51 5.26 38.55
C PRO D 293 11.94 4.51 39.74
N ALA D 294 11.96 5.13 40.93
CA ALA D 294 11.45 4.46 42.12
C ALA D 294 10.01 4.00 41.91
N ARG D 295 9.15 4.90 41.44
CA ARG D 295 7.76 4.53 41.20
C ARG D 295 7.67 3.41 40.15
N TYR D 296 8.44 3.52 39.07
CA TYR D 296 8.40 2.50 38.03
C TYR D 296 8.79 1.14 38.58
N VAL D 297 9.93 1.07 39.28
CA VAL D 297 10.38 -0.21 39.82
C VAL D 297 9.44 -0.70 40.91
N GLU D 298 8.84 0.22 41.67
CA GLU D 298 7.83 -0.18 42.65
C GLU D 298 6.69 -0.90 41.97
N ILE D 299 6.14 -0.31 40.91
CA ILE D 299 5.04 -0.93 40.18
C ILE D 299 5.47 -2.27 39.60
N PHE D 300 6.69 -2.34 39.07
CA PHE D 300 7.19 -3.57 38.48
C PHE D 300 7.32 -4.67 39.54
N THR D 301 8.08 -4.40 40.59
CA THR D 301 8.39 -5.44 41.56
C THR D 301 7.13 -5.94 42.27
N ARG D 302 6.24 -5.03 42.64
CA ARG D 302 4.99 -5.45 43.27
C ARG D 302 4.24 -6.43 42.38
N TRP D 303 4.15 -6.13 41.09
CA TRP D 303 3.40 -6.98 40.17
C TRP D 303 4.18 -8.24 39.81
N ALA D 304 5.50 -8.12 39.61
CA ALA D 304 6.28 -9.28 39.22
C ALA D 304 6.30 -10.34 40.30
N ALA D 305 6.34 -9.92 41.57
CA ALA D 305 6.42 -10.88 42.67
C ALA D 305 5.12 -11.64 42.87
N ALA D 306 4.01 -11.14 42.34
CA ALA D 306 2.71 -11.78 42.49
C ALA D 306 2.36 -12.68 41.31
N LEU D 307 3.29 -12.92 40.40
CA LEU D 307 3.02 -13.74 39.23
C LEU D 307 2.74 -15.18 39.63
#